data_6CCZ
#
_entry.id   6CCZ
#
_cell.length_a   64.675
_cell.length_b   199.686
_cell.length_c   152.498
_cell.angle_alpha   90.00
_cell.angle_beta   90.00
_cell.angle_gamma   90.00
#
_symmetry.space_group_name_H-M   'C 2 2 21'
#
loop_
_entity.id
_entity.type
_entity.pdbx_description
1 polymer 'Serine hydroxymethyltransferase'
2 polymer 'Serine hydroxymethyltransferase'
3 non-polymer selenourea
4 non-polymer 'ACETATE ION'
5 non-polymer 'FORMIC ACID'
6 water water
#
loop_
_entity_poly.entity_id
_entity_poly.type
_entity_poly.pdbx_seq_one_letter_code
_entity_poly.pdbx_strand_id
1 'polypeptide(L)'
;SNAFLDYGLSEADPDVHAIINKEKDRQFRSLELIASENFTSKAVMEAVGSCLTNKYSEGLPGKRYYGGNEHIDELEILCQ
QRALAAFHLDGDKWGVNVQPLSGSPANFAVYTAILKPHDRIMGLDLPHGGHLSHGFMTAKRRVSGTSIYFESMPYRLDES
TGVIDYDMLEKTAALFRPKLIIAGASAYPRDIDYARFRKIADSVGAFLMMDMAHVSGLIAASVLADPFEFVDIVTTTTH
(LLP)SLRGPRGGMIFFKKDAVHGVDLESAINNAVFPGLQGGPHNHTIGGLAVCLKYAQSPDFKNYQNQVVANCRALANR
LVEHEYKLVSGGSDNHLVLVDLRPSGIDGARVEKILDMASITLNKNSVPGDKSALVPGGIRIGSPAMTTRGLGEKEFELI
ADLIHEGVRISLEAKSLVSGTKVQDFLNFVLAPEFPLGDKVSNLRRKVEALATQYPIPGV
;
A
2 'polypeptide(L)'
;SNAFLDYGLSEADPDVHAIINKEKDRQFRSLELIASENFTSKAVMEAVGSCLTNKYSEGLPGKRYYGGNEHIDELEILCQ
QRALAAFHLDGDKWGVNVQPLSGSPANFAVYTAILKPHDRIMGLDLPHGGHLSHGFMTAKRRVSGTSIYFESMPYRLDES
TGVIDYDMLEKTAALFRPKLIIAGASAYPRDIDYARFRKIADSVGAFLMMDMAHVSGLIAASVLADPFEFVDIVTTTTHK
SLRGPRGGMIFFKKDAVHGVDLESAINNAVFPGLQGGPHNHTIGGLAVCLKYAQSPDFKNYQNQVVANCRALANRLVEHE
YKLVSGGSDNHLVLVDLRPSGIDGARVEKILDMASITLNKNSVPGDKSALVPGGIRIGSPAMTTRGLGEKEFELIADLIH
EGVRISLEAKSLVSGTKVQDFLNFVLAPEFPLGDKVSNLRRKVEALATQYPIPGV
;
B
#
loop_
_chem_comp.id
_chem_comp.type
_chem_comp.name
_chem_comp.formula
ACT non-polymer 'ACETATE ION' 'C2 H3 O2 -1'
FMT non-polymer 'FORMIC ACID' 'C H2 O2'
SEY non-polymer selenourea 'C H4 N2 Se'
#
# COMPACT_ATOMS: atom_id res chain seq x y z
N PHE A 4 17.34 51.17 21.36
CA PHE A 4 16.72 52.43 21.85
C PHE A 4 15.71 53.03 20.83
N LEU A 5 15.97 52.92 19.52
CA LEU A 5 15.12 53.61 18.52
C LEU A 5 13.83 52.83 18.21
N ASP A 6 12.63 53.40 18.47
CA ASP A 6 11.38 52.64 18.26
C ASP A 6 10.36 53.30 17.35
N TYR A 7 10.71 53.33 16.08
CA TYR A 7 9.92 53.94 15.06
C TYR A 7 8.75 53.05 14.61
N GLY A 8 7.69 53.72 14.17
CA GLY A 8 6.65 53.05 13.42
C GLY A 8 7.16 52.60 12.07
N LEU A 9 6.32 51.84 11.38
CA LEU A 9 6.67 51.25 10.13
C LEU A 9 6.91 52.28 9.02
N SER A 10 6.07 53.30 8.93
CA SER A 10 6.26 54.30 7.88
C SER A 10 7.53 55.11 8.15
N GLU A 11 7.90 55.23 9.40
CA GLU A 11 9.14 55.90 9.80
C GLU A 11 10.41 55.09 9.53
N ALA A 12 10.38 53.80 9.87
CA ALA A 12 11.52 52.85 9.78
C ALA A 12 11.74 52.34 8.39
N ASP A 13 10.65 52.04 7.69
CA ASP A 13 10.74 51.27 6.49
C ASP A 13 9.64 51.62 5.50
N PRO A 14 9.80 52.73 4.80
CA PRO A 14 8.80 53.14 3.82
C PRO A 14 8.62 52.22 2.65
N ASP A 15 9.66 51.49 2.22
CA ASP A 15 9.51 50.49 1.16
C ASP A 15 8.52 49.39 1.57
N VAL A 16 8.66 48.83 2.77
CA VAL A 16 7.74 47.80 3.24
C VAL A 16 6.35 48.37 3.55
N HIS A 17 6.28 49.57 4.09
CA HIS A 17 5.00 50.21 4.30
C HIS A 17 4.25 50.37 2.98
N ALA A 18 4.98 50.81 1.96
CA ALA A 18 4.40 51.02 0.65
C ALA A 18 3.91 49.70 0.04
N ILE A 19 4.70 48.64 0.16
CA ILE A 19 4.25 47.30 -0.28
C ILE A 19 2.97 46.84 0.43
N ILE A 20 2.91 46.98 1.73
CA ILE A 20 1.73 46.57 2.48
C ILE A 20 0.50 47.37 2.04
N ASN A 21 0.65 48.66 1.88
CA ASN A 21 -0.42 49.50 1.37
C ASN A 21 -0.88 49.08 -0.03
N LYS A 22 0.07 48.81 -0.90
CA LYS A 22 -0.26 48.30 -2.22
C LYS A 22 -1.04 46.97 -2.10
N GLU A 23 -0.63 46.08 -1.21
CA GLU A 23 -1.30 44.82 -1.04
C GLU A 23 -2.69 45.04 -0.50
N LYS A 24 -2.82 45.95 0.43
CA LYS A 24 -4.13 46.29 0.99
C LYS A 24 -5.09 46.80 -0.08
N ASP A 25 -4.56 47.61 -0.97
CA ASP A 25 -5.33 48.25 -2.02
C ASP A 25 -5.67 47.26 -3.12
N ARG A 26 -4.73 46.36 -3.42
CA ARG A 26 -5.00 45.27 -4.33
C ARG A 26 -6.15 44.40 -3.79
N GLN A 27 -6.08 44.04 -2.51
CA GLN A 27 -7.16 43.26 -1.90
C GLN A 27 -8.53 43.94 -2.03
N PHE A 28 -8.53 45.25 -1.80
CA PHE A 28 -9.73 46.07 -1.89
C PHE A 28 -10.36 46.09 -3.30
N ARG A 29 -9.52 46.21 -4.31
CA ARG A 29 -9.91 46.37 -5.70
C ARG A 29 -10.29 45.11 -6.41
N SER A 30 -9.97 43.94 -5.86
CA SER A 30 -10.01 42.66 -6.57
C SER A 30 -11.20 41.80 -6.11
N LEU A 31 -11.66 40.88 -6.95
CA LEU A 31 -12.51 39.80 -6.50
C LEU A 31 -11.58 38.70 -6.06
N GLU A 32 -11.44 38.57 -4.75
CA GLU A 32 -10.65 37.53 -4.17
C GLU A 32 -11.44 36.29 -4.01
N LEU A 33 -11.23 35.36 -4.93
CA LEU A 33 -12.02 34.12 -4.97
C LEU A 33 -11.22 32.88 -4.63
N ILE A 34 -10.06 33.03 -4.02
CA ILE A 34 -9.26 31.89 -3.60
C ILE A 34 -9.96 31.25 -2.42
N ALA A 35 -10.28 29.96 -2.49
CA ALA A 35 -11.13 29.34 -1.44
C ALA A 35 -10.49 29.24 -0.05
N SER A 36 -9.17 29.30 -0.06
CA SER A 36 -8.31 29.28 1.10
C SER A 36 -8.07 30.65 1.71
N GLU A 37 -8.64 31.70 1.16
CA GLU A 37 -8.41 33.04 1.69
C GLU A 37 -9.63 33.58 2.36
N ASN A 38 -9.36 34.51 3.24
CA ASN A 38 -10.37 35.27 3.88
C ASN A 38 -9.73 36.60 4.28
N PHE A 39 -10.59 37.52 4.71
CA PHE A 39 -10.16 38.76 5.30
C PHE A 39 -10.40 38.73 6.82
N THR A 40 -9.33 38.67 7.59
CA THR A 40 -9.49 38.62 9.03
C THR A 40 -9.74 40.04 9.58
N SER A 41 -10.25 40.07 10.80
CA SER A 41 -10.72 41.29 11.43
C SER A 41 -9.59 42.09 12.00
N LYS A 42 -9.90 43.35 12.26
CA LYS A 42 -9.03 44.28 12.88
C LYS A 42 -8.60 43.76 14.25
N ALA A 43 -9.51 43.13 14.99
CA ALA A 43 -9.19 42.62 16.31
C ALA A 43 -8.15 41.50 16.31
N VAL A 44 -8.27 40.59 15.37
CA VAL A 44 -7.27 39.51 15.17
C VAL A 44 -5.90 40.11 14.86
N MET A 45 -5.85 41.05 13.93
CA MET A 45 -4.61 41.68 13.56
C MET A 45 -3.93 42.41 14.70
N GLU A 46 -4.72 43.08 15.52
CA GLU A 46 -4.18 43.80 16.66
C GLU A 46 -3.62 42.81 17.64
N ALA A 47 -4.28 41.67 17.81
CA ALA A 47 -3.79 40.67 18.76
C ALA A 47 -2.47 40.07 18.23
N VAL A 48 -2.45 39.81 16.93
CA VAL A 48 -1.28 39.23 16.30
C VAL A 48 -0.07 40.21 16.28
N GLY A 49 -0.36 41.49 16.07
CA GLY A 49 0.65 42.54 16.06
C GLY A 49 0.91 43.20 17.40
N SER A 50 1.10 42.38 18.42
CA SER A 50 1.19 42.83 19.81
C SER A 50 2.45 42.25 20.44
N CYS A 51 2.68 42.66 21.69
CA CYS A 51 3.82 42.21 22.48
C CYS A 51 3.75 40.77 22.91
N LEU A 52 2.67 40.06 22.59
CA LEU A 52 2.62 38.63 22.79
C LEU A 52 3.73 37.92 22.01
N THR A 53 4.19 38.53 20.94
CA THR A 53 5.27 37.98 20.15
C THR A 53 6.59 37.85 20.91
N ASN A 54 6.76 38.62 22.00
CA ASN A 54 8.01 38.68 22.73
C ASN A 54 8.25 37.54 23.71
N LYS A 55 7.20 36.86 24.14
CA LYS A 55 7.32 35.85 25.19
C LYS A 55 7.73 34.49 24.69
N TYR A 56 8.74 33.91 25.34
CA TYR A 56 9.15 32.50 25.13
C TYR A 56 8.52 31.57 26.17
N SER A 57 7.82 30.52 25.75
CA SER A 57 6.97 29.75 26.67
C SER A 57 6.84 28.30 26.26
N GLU A 58 7.96 27.63 26.14
CA GLU A 58 7.89 26.16 25.91
C GLU A 58 7.05 25.38 26.92
N GLY A 59 6.26 24.46 26.39
CA GLY A 59 5.46 23.53 27.19
C GLY A 59 4.00 23.95 27.18
N LEU A 60 3.27 23.58 28.22
CA LEU A 60 1.84 23.78 28.27
C LEU A 60 1.47 24.64 29.46
N PRO A 61 0.23 25.15 29.51
CA PRO A 61 -0.13 26.03 30.64
C PRO A 61 -0.07 25.34 31.95
N GLY A 62 0.54 25.98 32.94
CA GLY A 62 0.77 25.33 34.24
C GLY A 62 1.99 24.41 34.31
N LYS A 63 2.55 24.01 33.16
CA LYS A 63 3.73 23.14 33.04
C LYS A 63 4.77 23.72 32.07
N ARG A 64 5.19 24.97 32.30
CA ARG A 64 6.11 25.69 31.40
C ARG A 64 7.60 25.53 31.66
N TYR A 65 8.43 25.65 30.63
CA TYR A 65 9.89 25.56 30.81
C TYR A 65 10.68 26.93 30.99
N TYR A 66 9.96 28.01 31.24
CA TYR A 66 10.58 29.34 31.43
C TYR A 66 9.72 30.08 32.46
N GLY A 67 10.29 31.05 33.14
CA GLY A 67 9.51 31.90 34.02
C GLY A 67 8.65 32.91 33.28
N GLY A 68 7.76 33.55 34.03
CA GLY A 68 7.06 34.77 33.59
C GLY A 68 5.82 34.53 32.74
N ASN A 69 5.17 33.37 32.88
CA ASN A 69 4.11 32.92 32.00
C ASN A 69 2.67 32.96 32.57
N GLU A 70 2.44 33.64 33.68
CA GLU A 70 1.08 33.95 34.20
C GLU A 70 0.02 34.30 33.14
N HIS A 71 0.31 35.30 32.32
CA HIS A 71 -0.68 35.84 31.39
C HIS A 71 -0.74 35.00 30.12
N ILE A 72 0.43 34.55 29.66
CA ILE A 72 0.50 33.62 28.53
C ILE A 72 -0.31 32.35 28.82
N ASP A 73 -0.24 31.83 30.05
CA ASP A 73 -1.01 30.66 30.45
C ASP A 73 -2.53 30.95 30.46
N GLU A 74 -2.92 32.11 30.96
CA GLU A 74 -4.31 32.50 30.99
C GLU A 74 -4.89 32.56 29.57
N LEU A 75 -4.11 33.12 28.66
CA LEU A 75 -4.47 33.22 27.26
C LEU A 75 -4.62 31.89 26.54
N GLU A 76 -3.68 30.97 26.76
CA GLU A 76 -3.70 29.69 26.06
C GLU A 76 -4.85 28.83 26.57
N ILE A 77 -5.08 28.85 27.89
CA ILE A 77 -6.27 28.19 28.49
C ILE A 77 -7.55 28.78 27.87
N LEU A 78 -7.65 30.12 27.78
CA LEU A 78 -8.82 30.77 27.24
C LEU A 78 -9.04 30.29 25.79
N CYS A 79 -7.96 30.29 25.04
CA CYS A 79 -8.00 29.88 23.64
C CYS A 79 -8.48 28.43 23.47
N GLN A 80 -7.96 27.53 24.29
CA GLN A 80 -8.42 26.15 24.34
C GLN A 80 -9.92 26.03 24.62
N GLN A 81 -10.38 26.75 25.63
CA GLN A 81 -11.78 26.71 26.02
C GLN A 81 -12.69 27.20 24.90
N ARG A 82 -12.31 28.28 24.24
CA ARG A 82 -13.08 28.82 23.15
C ARG A 82 -13.08 27.94 21.93
N ALA A 83 -11.99 27.22 21.69
CA ALA A 83 -11.94 26.26 20.59
C ALA A 83 -12.94 25.15 20.83
N LEU A 84 -12.96 24.61 22.04
CA LEU A 84 -13.90 23.57 22.36
C LEU A 84 -15.37 24.07 22.25
N ALA A 85 -15.63 25.28 22.75
CA ALA A 85 -16.98 25.85 22.67
C ALA A 85 -17.45 26.12 21.24
N ALA A 86 -16.53 26.48 20.37
CA ALA A 86 -16.84 26.83 19.00
C ALA A 86 -17.33 25.61 18.22
N PHE A 87 -16.78 24.43 18.56
CA PHE A 87 -17.13 23.17 17.93
C PHE A 87 -18.06 22.30 18.79
N HIS A 88 -18.63 22.90 19.84
CA HIS A 88 -19.66 22.31 20.67
C HIS A 88 -19.19 21.02 21.28
N LEU A 89 -18.01 21.08 21.90
CA LEU A 89 -17.35 19.90 22.45
C LEU A 89 -17.34 19.91 23.97
N ASP A 90 -17.69 18.79 24.57
CA ASP A 90 -17.51 18.52 25.99
C ASP A 90 -16.00 18.35 26.27
N GLY A 91 -15.47 19.17 27.16
CA GLY A 91 -14.08 19.10 27.59
C GLY A 91 -13.69 17.87 28.39
N ASP A 92 -14.67 17.11 28.85
CA ASP A 92 -14.37 15.78 29.43
C ASP A 92 -14.09 14.71 28.32
N LYS A 93 -14.62 14.92 27.11
CA LYS A 93 -14.41 14.03 25.95
C LYS A 93 -13.35 14.50 24.95
N TRP A 94 -13.16 15.80 24.78
CA TRP A 94 -12.19 16.33 23.85
C TRP A 94 -11.22 17.30 24.52
N GLY A 95 -9.98 17.24 24.07
CA GLY A 95 -8.98 18.26 24.31
C GLY A 95 -8.49 18.84 23.00
N VAL A 96 -7.78 19.95 23.11
CA VAL A 96 -7.27 20.68 21.95
C VAL A 96 -5.90 21.21 22.26
N ASN A 97 -4.99 21.11 21.28
CA ASN A 97 -3.71 21.78 21.30
C ASN A 97 -3.74 22.91 20.27
N VAL A 98 -3.44 24.12 20.73
CA VAL A 98 -3.56 25.35 19.89
C VAL A 98 -2.21 25.94 19.49
N GLN A 99 -1.13 25.18 19.77
CA GLN A 99 0.22 25.60 19.37
C GLN A 99 0.70 25.29 17.94
N PRO A 100 0.05 24.36 17.17
CA PRO A 100 0.64 24.08 15.85
C PRO A 100 0.80 25.32 15.01
N LEU A 101 1.91 25.44 14.31
CA LEU A 101 2.22 26.66 13.61
C LEU A 101 1.38 26.87 12.35
N SER A 102 0.80 25.80 11.81
CA SER A 102 -0.07 25.86 10.67
C SER A 102 -0.73 24.48 10.48
N GLY A 103 -1.47 24.33 9.38
CA GLY A 103 -2.17 23.10 9.10
C GLY A 103 -1.27 21.92 8.81
N SER A 104 -0.21 22.13 8.02
CA SER A 104 0.76 21.08 7.73
C SER A 104 1.54 20.54 8.95
N PRO A 105 2.15 21.43 9.75
CA PRO A 105 2.72 20.96 11.00
C PRO A 105 1.72 20.28 11.94
N ALA A 106 0.46 20.76 11.95
CA ALA A 106 -0.57 20.15 12.78
C ALA A 106 -0.77 18.69 12.41
N ASN A 107 -0.90 18.41 11.12
CA ASN A 107 -1.01 17.04 10.62
C ASN A 107 0.20 16.18 10.93
N PHE A 108 1.36 16.76 10.67
CA PHE A 108 2.58 16.04 10.88
C PHE A 108 2.78 15.72 12.39
N ALA A 109 2.31 16.61 13.27
CA ALA A 109 2.32 16.31 14.72
C ALA A 109 1.44 15.11 15.08
N VAL A 110 0.29 15.02 14.44
CA VAL A 110 -0.60 13.87 14.64
C VAL A 110 0.12 12.58 14.20
N TYR A 111 0.68 12.60 13.02
CA TYR A 111 1.38 11.41 12.50
C TYR A 111 2.46 11.00 13.48
N THR A 112 3.23 11.99 13.88
CA THR A 112 4.34 11.75 14.80
C THR A 112 3.81 11.21 16.14
N ALA A 113 2.68 11.73 16.60
CA ALA A 113 2.09 11.29 17.85
C ALA A 113 1.63 9.82 17.83
N ILE A 114 0.93 9.40 16.80
CA ILE A 114 0.26 8.12 16.82
C ILE A 114 0.91 7.06 15.93
N LEU A 115 1.86 7.43 15.08
CA LEU A 115 2.51 6.50 14.16
C LEU A 115 4.00 6.42 14.40
N LYS A 116 4.59 5.27 14.05
CA LYS A 116 6.04 5.15 13.90
C LYS A 116 6.37 5.46 12.45
N PRO A 117 7.61 5.80 12.17
CA PRO A 117 7.97 5.92 10.78
C PRO A 117 7.71 4.68 9.96
N HIS A 118 7.34 4.92 8.71
CA HIS A 118 6.85 3.93 7.76
C HIS A 118 5.53 3.29 8.05
N ASP A 119 4.79 3.74 9.06
CA ASP A 119 3.43 3.30 9.24
C ASP A 119 2.56 3.82 8.08
N ARG A 120 1.41 3.19 7.89
CA ARG A 120 0.61 3.35 6.67
C ARG A 120 -0.52 4.33 6.86
N ILE A 121 -0.67 5.20 5.86
CA ILE A 121 -1.68 6.29 5.88
C ILE A 121 -2.40 6.25 4.55
N MET A 122 -3.71 6.48 4.58
CA MET A 122 -4.49 6.73 3.38
C MET A 122 -5.20 8.09 3.49
N GLY A 123 -5.12 8.88 2.42
CA GLY A 123 -5.78 10.18 2.32
C GLY A 123 -6.23 10.38 0.87
N LEU A 124 -7.08 11.37 0.66
CA LEU A 124 -7.57 11.71 -0.71
C LEU A 124 -6.43 12.19 -1.61
N ASP A 125 -6.28 11.53 -2.76
CA ASP A 125 -5.29 11.84 -3.79
C ASP A 125 -5.33 13.30 -4.24
N LEU A 126 -4.15 13.90 -4.28
CA LEU A 126 -3.93 15.31 -4.68
C LEU A 126 -4.69 15.78 -5.99
N PRO A 127 -4.53 15.08 -7.17
CA PRO A 127 -5.41 15.37 -8.38
C PRO A 127 -6.95 15.17 -8.20
N HIS A 128 -7.32 14.46 -7.14
CA HIS A 128 -8.70 14.17 -6.85
C HIS A 128 -9.19 15.07 -5.67
N GLY A 129 -8.46 16.15 -5.37
CA GLY A 129 -8.93 17.17 -4.42
C GLY A 129 -8.33 17.18 -3.02
N GLY A 130 -7.49 16.20 -2.70
CA GLY A 130 -6.85 16.15 -1.38
C GLY A 130 -5.76 17.18 -1.25
N HIS A 131 -5.13 17.17 -0.08
CA HIS A 131 -4.07 18.10 0.23
C HIS A 131 -2.74 17.33 0.34
N LEU A 132 -1.64 18.01 0.00
CA LEU A 132 -0.27 17.43 0.00
C LEU A 132 0.08 16.64 1.29
N SER A 133 -0.15 17.28 2.44
CA SER A 133 0.09 16.69 3.77
C SER A 133 -0.66 15.40 4.10
N HIS A 134 -1.64 15.01 3.28
CA HIS A 134 -2.27 13.67 3.37
C HIS A 134 -1.52 12.56 2.56
N GLY A 135 -0.45 12.95 1.85
CA GLY A 135 0.32 12.05 0.99
C GLY A 135 0.26 12.40 -0.49
N PHE A 136 1.45 12.54 -1.11
CA PHE A 136 1.64 12.58 -2.56
C PHE A 136 3.04 12.10 -2.93
N ARG A 142 8.71 10.75 -3.98
CA ARG A 142 8.15 11.16 -2.66
C ARG A 142 8.15 12.73 -2.42
N VAL A 143 7.02 13.37 -2.71
CA VAL A 143 6.89 14.86 -2.77
C VAL A 143 6.61 15.51 -1.39
N SER A 144 5.65 14.94 -0.65
CA SER A 144 5.22 15.38 0.68
C SER A 144 5.98 14.71 1.87
N GLY A 145 6.11 15.45 2.97
CA GLY A 145 6.58 14.91 4.22
C GLY A 145 5.83 13.66 4.65
N THR A 146 4.52 13.73 4.59
CA THR A 146 3.71 12.58 4.81
C THR A 146 4.21 11.36 4.01
N SER A 147 4.49 11.52 2.74
CA SER A 147 4.97 10.43 1.88
C SER A 147 6.43 10.06 2.04
N ILE A 148 7.24 10.96 2.57
CA ILE A 148 8.64 10.69 2.82
C ILE A 148 8.84 9.81 4.04
N TYR A 149 8.19 10.16 5.14
CA TYR A 149 8.43 9.54 6.45
C TYR A 149 7.43 8.42 6.79
N PHE A 150 6.35 8.33 6.03
CA PHE A 150 5.34 7.30 6.23
C PHE A 150 5.05 6.66 4.88
N GLU A 151 4.24 5.63 4.92
CA GLU A 151 3.86 4.94 3.71
C GLU A 151 2.43 5.27 3.35
N SER A 152 2.26 6.17 2.39
CA SER A 152 0.94 6.64 2.05
C SER A 152 0.47 5.90 0.81
N MET A 153 -0.84 5.73 0.69
CA MET A 153 -1.49 5.30 -0.55
C MET A 153 -2.75 6.12 -0.68
N PRO A 154 -3.00 6.70 -1.87
CA PRO A 154 -4.21 7.53 -2.01
C PRO A 154 -5.48 6.69 -2.10
N TYR A 155 -6.63 7.27 -1.74
CA TYR A 155 -7.90 6.85 -2.27
C TYR A 155 -8.35 7.99 -3.16
N ARG A 156 -9.22 7.65 -4.10
CA ARG A 156 -9.52 8.56 -5.22
C ARG A 156 -10.99 8.77 -5.30
N LEU A 157 -11.35 9.87 -5.93
CA LEU A 157 -12.70 10.09 -6.43
C LEU A 157 -12.90 9.18 -7.62
N ASP A 158 -14.12 8.75 -7.80
CA ASP A 158 -14.52 8.27 -9.12
C ASP A 158 -14.19 9.34 -10.24
N GLU A 159 -13.27 9.04 -11.16
CA GLU A 159 -12.98 9.92 -12.30
C GLU A 159 -14.23 10.27 -13.14
N SER A 160 -15.23 9.37 -13.14
CA SER A 160 -16.47 9.57 -13.89
C SER A 160 -17.50 10.42 -13.16
N THR A 161 -17.48 10.44 -11.82
CA THR A 161 -18.48 11.20 -11.03
C THR A 161 -17.91 12.42 -10.29
N GLY A 162 -16.60 12.44 -10.03
CA GLY A 162 -16.05 13.39 -9.05
C GLY A 162 -16.50 13.24 -7.58
N VAL A 163 -17.07 12.09 -7.20
CA VAL A 163 -17.39 11.77 -5.80
C VAL A 163 -16.43 10.72 -5.26
N ILE A 164 -16.05 10.85 -3.97
CA ILE A 164 -15.19 9.85 -3.30
C ILE A 164 -15.70 8.42 -3.55
N ASP A 165 -14.80 7.57 -4.02
CA ASP A 165 -15.11 6.16 -4.31
C ASP A 165 -15.02 5.34 -3.03
N TYR A 166 -16.08 5.40 -2.25
CA TYR A 166 -16.11 4.73 -0.97
C TYR A 166 -15.90 3.19 -1.04
N ASP A 167 -16.46 2.53 -2.07
CA ASP A 167 -16.37 1.08 -2.19
C ASP A 167 -14.93 0.68 -2.51
N MET A 168 -14.26 1.42 -3.36
CA MET A 168 -12.86 1.19 -3.62
C MET A 168 -11.94 1.50 -2.42
N LEU A 169 -12.23 2.54 -1.64
CA LEU A 169 -11.55 2.79 -0.37
C LEU A 169 -11.68 1.59 0.57
N GLU A 170 -12.90 1.10 0.72
CA GLU A 170 -13.16 -0.06 1.58
C GLU A 170 -12.35 -1.31 1.15
N LYS A 171 -12.28 -1.61 -0.16
CA LYS A 171 -11.48 -2.75 -0.66
C LYS A 171 -9.98 -2.51 -0.50
N THR A 172 -9.51 -1.30 -0.84
CA THR A 172 -8.08 -1.00 -0.79
C THR A 172 -7.57 -0.92 0.63
N ALA A 173 -8.39 -0.40 1.55
CA ALA A 173 -8.04 -0.37 2.95
C ALA A 173 -7.88 -1.77 3.53
N ALA A 174 -8.73 -2.72 3.12
CA ALA A 174 -8.57 -4.11 3.58
C ALA A 174 -7.24 -4.74 3.11
N LEU A 175 -6.76 -4.38 1.94
CA LEU A 175 -5.49 -4.89 1.42
C LEU A 175 -4.28 -4.16 1.99
N PHE A 176 -4.33 -2.82 2.06
CA PHE A 176 -3.17 -2.02 2.46
C PHE A 176 -3.01 -1.96 3.97
N ARG A 177 -4.12 -2.01 4.70
CA ARG A 177 -4.13 -2.04 6.15
C ARG A 177 -3.51 -0.74 6.73
N PRO A 178 -4.08 0.43 6.40
CA PRO A 178 -3.58 1.66 7.04
C PRO A 178 -3.78 1.67 8.55
N LYS A 179 -2.81 2.24 9.24
CA LYS A 179 -2.94 2.54 10.68
C LYS A 179 -3.70 3.87 10.90
N LEU A 180 -3.68 4.72 9.88
CA LEU A 180 -4.45 5.98 9.86
C LEU A 180 -5.12 6.22 8.51
N ILE A 181 -6.40 6.60 8.58
CA ILE A 181 -7.17 7.06 7.43
C ILE A 181 -7.55 8.51 7.67
N ILE A 182 -7.21 9.35 6.73
CA ILE A 182 -7.49 10.79 6.81
C ILE A 182 -8.68 11.09 5.91
N ALA A 183 -9.70 11.69 6.49
CA ALA A 183 -10.76 12.33 5.75
C ALA A 183 -10.44 13.82 5.65
N GLY A 184 -10.95 14.46 4.62
CA GLY A 184 -10.80 15.89 4.45
C GLY A 184 -9.94 16.21 3.25
N ALA A 185 -10.11 17.42 2.72
CA ALA A 185 -9.69 17.75 1.33
C ALA A 185 -9.62 19.23 1.03
N SER A 186 -8.88 19.54 -0.03
CA SER A 186 -8.63 20.93 -0.40
C SER A 186 -9.67 21.42 -1.37
N ALA A 187 -10.08 20.55 -2.25
CA ALA A 187 -10.88 20.96 -3.37
C ALA A 187 -12.02 19.96 -3.52
N TYR A 188 -12.49 19.41 -2.38
CA TYR A 188 -13.65 18.55 -2.47
C TYR A 188 -14.92 19.35 -2.22
N PRO A 189 -15.81 19.40 -3.24
CA PRO A 189 -16.96 20.27 -3.08
C PRO A 189 -18.14 19.65 -2.37
N ARG A 190 -18.05 18.40 -1.90
CA ARG A 190 -19.19 17.78 -1.23
C ARG A 190 -18.88 17.44 0.19
N ASP A 191 -19.91 17.19 0.98
CA ASP A 191 -19.76 16.77 2.37
C ASP A 191 -19.34 15.28 2.45
N ILE A 192 -18.71 14.92 3.55
CA ILE A 192 -18.08 13.62 3.70
C ILE A 192 -19.06 12.70 4.40
N ASP A 193 -19.13 11.45 3.95
CA ASP A 193 -19.86 10.41 4.66
C ASP A 193 -18.99 9.91 5.81
N TYR A 194 -19.08 10.60 6.95
CA TYR A 194 -18.24 10.25 8.11
C TYR A 194 -18.53 8.84 8.67
N ALA A 195 -19.80 8.39 8.62
CA ALA A 195 -20.17 7.05 9.12
C ALA A 195 -19.51 5.96 8.30
N ARG A 196 -19.48 6.18 6.99
CA ARG A 196 -18.80 5.26 6.11
C ARG A 196 -17.30 5.24 6.43
N PHE A 197 -16.67 6.41 6.62
CA PHE A 197 -15.25 6.47 7.06
C PHE A 197 -14.94 5.65 8.37
N ARG A 198 -15.83 5.78 9.33
CA ARG A 198 -15.75 5.09 10.61
C ARG A 198 -15.84 3.57 10.41
N LYS A 199 -16.86 3.16 9.66
CA LYS A 199 -17.02 1.74 9.31
C LYS A 199 -15.75 1.16 8.69
N ILE A 200 -15.15 1.90 7.74
CA ILE A 200 -13.95 1.46 7.04
C ILE A 200 -12.70 1.47 7.93
N ALA A 201 -12.59 2.50 8.78
CA ALA A 201 -11.51 2.56 9.72
C ALA A 201 -11.57 1.35 10.68
N ASP A 202 -12.74 1.11 11.26
CA ASP A 202 -12.97 -0.05 12.15
C ASP A 202 -12.71 -1.41 11.50
N SER A 203 -13.01 -1.53 10.20
CA SER A 203 -12.77 -2.75 9.48
C SER A 203 -11.28 -3.17 9.50
N VAL A 204 -10.35 -2.22 9.68
CA VAL A 204 -8.91 -2.53 9.74
C VAL A 204 -8.22 -2.11 11.06
N GLY A 205 -8.99 -1.63 12.02
CA GLY A 205 -8.41 -1.17 13.27
C GLY A 205 -7.64 0.16 13.13
N ALA A 206 -7.94 0.94 12.10
CA ALA A 206 -7.20 2.22 11.88
C ALA A 206 -7.71 3.33 12.77
N PHE A 207 -6.81 4.25 13.13
CA PHE A 207 -7.20 5.57 13.58
C PHE A 207 -7.94 6.28 12.45
N LEU A 208 -8.87 7.15 12.82
CA LEU A 208 -9.58 8.01 11.89
C LEU A 208 -9.47 9.49 12.30
N MET A 209 -9.00 10.28 11.35
CA MET A 209 -8.77 11.69 11.46
C MET A 209 -9.57 12.46 10.40
N MET A 210 -10.01 13.65 10.76
CA MET A 210 -10.55 14.61 9.80
C MET A 210 -9.64 15.87 9.79
N ASP A 211 -9.21 16.28 8.60
CA ASP A 211 -8.53 17.54 8.39
C ASP A 211 -9.59 18.46 7.87
N MET A 212 -10.13 19.28 8.77
CA MET A 212 -11.27 20.12 8.43
C MET A 212 -10.85 21.53 7.97
N ALA A 213 -9.60 21.73 7.62
CA ALA A 213 -9.08 23.07 7.28
C ALA A 213 -10.00 23.85 6.34
N HIS A 214 -10.51 23.18 5.31
CA HIS A 214 -11.33 23.91 4.34
C HIS A 214 -12.74 24.11 4.73
N VAL A 215 -13.22 23.50 5.81
CA VAL A 215 -14.64 23.62 6.12
C VAL A 215 -14.93 23.90 7.57
N SER A 216 -13.91 24.31 8.33
CA SER A 216 -14.02 24.35 9.78
C SER A 216 -15.15 25.28 10.21
N GLY A 217 -15.25 26.45 9.59
CA GLY A 217 -16.28 27.40 9.98
C GLY A 217 -17.67 26.91 9.69
N LEU A 218 -17.79 26.21 8.57
CA LEU A 218 -19.07 25.59 8.19
C LEU A 218 -19.49 24.51 9.16
N ILE A 219 -18.52 23.79 9.70
CA ILE A 219 -18.76 22.78 10.74
C ILE A 219 -19.16 23.46 12.07
N ALA A 220 -18.42 24.50 12.44
CA ALA A 220 -18.73 25.23 13.66
C ALA A 220 -20.16 25.79 13.68
N ALA A 221 -20.59 26.32 12.55
CA ALA A 221 -21.95 26.89 12.40
C ALA A 221 -23.06 25.87 12.06
N SER A 222 -22.74 24.56 12.06
CA SER A 222 -23.69 23.45 11.76
C SER A 222 -24.32 23.48 10.39
N VAL A 223 -23.57 23.99 9.43
CA VAL A 223 -24.00 24.00 8.06
C VAL A 223 -23.66 22.65 7.44
N LEU A 224 -22.55 22.06 7.88
CA LEU A 224 -22.18 20.76 7.39
C LEU A 224 -22.26 19.79 8.54
N ALA A 225 -22.20 18.51 8.20
CA ALA A 225 -22.08 17.44 9.18
C ALA A 225 -20.85 17.56 10.07
N ASP A 226 -20.99 17.09 11.29
CA ASP A 226 -20.00 17.20 12.30
C ASP A 226 -19.06 15.96 12.35
N PRO A 227 -17.78 16.14 11.96
CA PRO A 227 -16.83 15.01 12.02
C PRO A 227 -16.60 14.51 13.45
N PHE A 228 -16.80 15.39 14.44
CA PHE A 228 -16.61 15.04 15.87
C PHE A 228 -17.54 13.93 16.40
N GLU A 229 -18.65 13.67 15.71
CA GLU A 229 -19.49 12.52 16.05
C GLU A 229 -18.83 11.21 15.69
N PHE A 230 -17.88 11.22 14.75
CA PHE A 230 -17.32 9.97 14.22
C PHE A 230 -15.82 9.76 14.35
N VAL A 231 -15.00 10.80 14.27
CA VAL A 231 -13.55 10.62 14.18
C VAL A 231 -12.84 10.68 15.53
N ASP A 232 -11.57 10.32 15.54
CA ASP A 232 -10.75 10.31 16.75
C ASP A 232 -9.98 11.62 16.97
N ILE A 233 -9.54 12.21 15.85
CA ILE A 233 -8.67 13.38 15.87
C ILE A 233 -9.17 14.33 14.78
N VAL A 234 -9.14 15.62 15.05
CA VAL A 234 -9.49 16.64 14.03
C VAL A 234 -8.37 17.67 13.97
N THR A 235 -7.86 17.96 12.78
CA THR A 235 -6.87 19.04 12.62
C THR A 235 -7.50 20.12 11.79
N THR A 236 -6.90 21.30 11.84
CA THR A 236 -7.41 22.44 11.07
C THR A 236 -6.39 23.57 11.03
N THR A 237 -6.46 24.37 9.96
CA THR A 237 -5.93 25.73 9.96
C THR A 237 -6.91 26.64 10.63
N THR A 238 -6.52 27.88 10.82
CA THR A 238 -7.34 28.83 11.51
C THR A 238 -7.66 30.05 10.68
N HIS A 239 -7.18 30.09 9.43
CA HIS A 239 -7.25 31.32 8.60
C HIS A 239 -8.21 31.27 7.41
N1 LLP A 240 -4.99 20.48 5.01
C2 LLP A 240 -5.98 21.03 4.28
C2' LLP A 240 -7.19 20.17 3.86
C3 LLP A 240 -5.88 22.38 3.89
O3 LLP A 240 -6.95 22.90 3.10
C4 LLP A 240 -4.79 23.15 4.28
C4' LLP A 240 -4.76 24.63 3.89
C5 LLP A 240 -3.79 22.55 5.05
C6 LLP A 240 -3.92 21.20 5.42
C5' LLP A 240 -2.48 23.20 5.50
OP4 LLP A 240 -2.55 24.55 5.82
P LLP A 240 -1.17 25.42 5.82
OP1 LLP A 240 -1.35 26.53 6.86
OP2 LLP A 240 0.03 24.49 6.15
OP3 LLP A 240 -1.05 26.09 4.45
N LLP A 240 -8.75 30.11 7.12
CA LLP A 240 -9.59 29.97 5.94
CB LLP A 240 -9.42 28.57 5.32
CG LLP A 240 -7.98 28.24 4.90
CD LLP A 240 -7.77 26.75 4.51
CE LLP A 240 -6.32 26.60 4.07
NZ LLP A 240 -5.87 25.23 4.19
C LLP A 240 -11.02 30.32 6.38
O LLP A 240 -11.37 31.47 6.68
N SER A 241 -11.84 29.30 6.42
CA SER A 241 -13.23 29.34 6.81
C SER A 241 -13.43 29.94 8.22
N LEU A 242 -12.54 29.64 9.15
CA LEU A 242 -12.56 30.23 10.50
C LEU A 242 -12.34 31.73 10.60
N ARG A 243 -11.67 32.33 9.63
CA ARG A 243 -11.44 33.82 9.57
C ARG A 243 -10.47 34.30 10.65
N GLY A 244 -9.51 33.46 11.00
CA GLY A 244 -8.57 33.75 12.05
C GLY A 244 -7.19 34.05 11.52
N PRO A 245 -6.20 34.09 12.44
CA PRO A 245 -4.86 34.28 12.05
C PRO A 245 -4.30 33.02 11.38
N ARG A 246 -3.08 33.11 10.91
CA ARG A 246 -2.41 31.93 10.34
C ARG A 246 -1.85 31.06 11.45
N GLY A 247 -2.55 29.98 11.71
CA GLY A 247 -2.20 29.01 12.76
C GLY A 247 -2.82 27.64 12.48
N GLY A 248 -2.85 26.81 13.49
CA GLY A 248 -3.39 25.46 13.42
C GLY A 248 -3.83 24.94 14.77
N MET A 249 -4.74 23.97 14.75
CA MET A 249 -5.15 23.27 15.96
C MET A 249 -5.28 21.77 15.71
N ILE A 250 -5.17 21.02 16.80
CA ILE A 250 -5.45 19.62 16.81
C ILE A 250 -6.42 19.32 17.91
N PHE A 251 -7.56 18.72 17.59
CA PHE A 251 -8.51 18.24 18.57
C PHE A 251 -8.34 16.72 18.70
N PHE A 252 -8.50 16.21 19.92
CA PHE A 252 -8.36 14.78 20.17
C PHE A 252 -9.34 14.32 21.23
N LYS A 253 -9.79 13.09 21.08
CA LYS A 253 -10.46 12.38 22.17
C LYS A 253 -9.56 12.22 23.38
N LYS A 254 -10.15 12.39 24.56
CA LYS A 254 -9.48 12.14 25.83
C LYS A 254 -9.55 10.67 26.27
N ASP A 255 -10.55 9.91 25.85
CA ASP A 255 -10.57 8.45 26.13
C ASP A 255 -9.52 7.75 25.27
N ALA A 256 -8.94 6.65 25.75
CA ALA A 256 -7.87 6.00 25.02
C ALA A 256 -8.45 5.41 23.74
N VAL A 257 -7.69 5.49 22.65
CA VAL A 257 -8.14 5.07 21.32
C VAL A 257 -7.09 4.10 20.86
N HIS A 258 -7.50 2.86 20.62
CA HIS A 258 -6.57 1.74 20.37
C HIS A 258 -5.41 1.69 21.36
N GLY A 259 -5.74 1.85 22.64
CA GLY A 259 -4.73 1.78 23.72
C GLY A 259 -3.74 2.94 23.76
N VAL A 260 -4.07 4.06 23.09
CA VAL A 260 -3.19 5.21 23.07
C VAL A 260 -3.86 6.40 23.74
N ASP A 261 -3.11 6.99 24.67
CA ASP A 261 -3.44 8.26 25.29
C ASP A 261 -3.11 9.39 24.29
N LEU A 262 -4.13 9.81 23.54
CA LEU A 262 -3.92 10.76 22.44
C LEU A 262 -3.46 12.14 22.97
N GLU A 263 -4.00 12.57 24.10
CA GLU A 263 -3.57 13.82 24.71
C GLU A 263 -2.04 13.94 24.93
N SER A 264 -1.47 13.02 25.70
CA SER A 264 -0.01 12.96 25.85
C SER A 264 0.74 12.82 24.54
N ALA A 265 0.28 11.92 23.69
CA ALA A 265 1.01 11.63 22.48
C ALA A 265 1.11 12.88 21.60
N ILE A 266 -0.02 13.57 21.42
CA ILE A 266 -0.12 14.75 20.53
C ILE A 266 0.61 15.96 21.08
N ASN A 267 0.36 16.23 22.35
CA ASN A 267 1.11 17.29 23.05
C ASN A 267 2.61 17.06 22.95
N ASN A 268 3.06 15.85 23.21
CA ASN A 268 4.48 15.53 23.12
C ASN A 268 5.05 15.69 21.72
N ALA A 269 4.23 15.32 20.72
CA ALA A 269 4.61 15.48 19.32
C ALA A 269 4.73 16.98 18.91
N VAL A 270 3.86 17.83 19.43
CA VAL A 270 3.95 19.24 19.07
C VAL A 270 5.24 19.79 19.75
N PHE A 271 5.39 19.55 21.04
CA PHE A 271 6.58 19.96 21.77
C PHE A 271 6.88 18.93 22.86
N PRO A 272 8.08 18.37 22.96
CA PRO A 272 9.27 18.76 22.23
C PRO A 272 9.47 18.12 20.85
N GLY A 273 8.47 17.43 20.29
CA GLY A 273 8.65 16.66 19.06
C GLY A 273 9.04 17.48 17.85
N LEU A 274 8.19 18.44 17.46
CA LEU A 274 8.38 19.19 16.22
C LEU A 274 8.60 20.68 16.34
N GLN A 275 8.21 21.26 17.47
CA GLN A 275 8.18 22.73 17.61
C GLN A 275 8.94 23.10 18.88
N GLY A 276 9.39 24.34 18.92
CA GLY A 276 9.84 24.98 20.09
C GLY A 276 8.72 25.81 20.75
N GLY A 277 9.03 27.06 21.04
CA GLY A 277 8.13 27.90 21.84
C GLY A 277 6.91 28.21 21.00
N PRO A 278 5.73 28.22 21.61
CA PRO A 278 4.53 28.61 20.84
C PRO A 278 4.56 30.07 20.38
N HIS A 279 3.81 30.35 19.34
CA HIS A 279 3.62 31.73 18.84
C HIS A 279 2.41 32.35 19.50
N ASN A 280 2.66 32.95 20.65
CA ASN A 280 1.60 33.48 21.48
C ASN A 280 0.76 34.60 20.85
N HIS A 281 1.36 35.40 20.01
CA HIS A 281 0.62 36.42 19.29
C HIS A 281 -0.43 35.82 18.40
N THR A 282 -0.08 34.74 17.71
CA THR A 282 -1.04 33.97 16.93
C THR A 282 -2.13 33.33 17.77
N ILE A 283 -1.76 32.76 18.91
CA ILE A 283 -2.71 32.22 19.88
C ILE A 283 -3.68 33.33 20.38
N GLY A 284 -3.18 34.52 20.64
CA GLY A 284 -4.05 35.66 20.88
C GLY A 284 -5.09 35.91 19.78
N GLY A 285 -4.62 36.00 18.52
CA GLY A 285 -5.48 36.14 17.39
C GLY A 285 -6.50 35.03 17.29
N LEU A 286 -6.04 33.83 17.58
CA LEU A 286 -6.89 32.68 17.51
C LEU A 286 -8.01 32.79 18.52
N ALA A 287 -7.66 33.12 19.78
CA ALA A 287 -8.66 33.30 20.83
C ALA A 287 -9.76 34.27 20.42
N VAL A 288 -9.35 35.39 19.83
CA VAL A 288 -10.26 36.41 19.31
C VAL A 288 -11.21 35.79 18.28
N CYS A 289 -10.65 35.05 17.35
CA CYS A 289 -11.47 34.56 16.26
C CYS A 289 -12.43 33.45 16.73
N LEU A 290 -12.03 32.65 17.71
CA LEU A 290 -12.89 31.62 18.26
C LEU A 290 -14.04 32.18 19.11
N LYS A 291 -13.86 33.37 19.68
CA LYS A 291 -14.96 34.03 20.33
C LYS A 291 -16.05 34.35 19.30
N TYR A 292 -15.63 35.03 18.23
CA TYR A 292 -16.54 35.35 17.15
C TYR A 292 -17.18 34.10 16.48
N ALA A 293 -16.44 33.01 16.38
CA ALA A 293 -16.97 31.74 15.83
C ALA A 293 -18.15 31.18 16.59
N GLN A 294 -18.37 31.62 17.82
CA GLN A 294 -19.50 31.14 18.61
C GLN A 294 -20.74 31.98 18.43
N SER A 295 -20.65 33.06 17.69
CA SER A 295 -21.68 34.07 17.67
C SER A 295 -22.74 33.79 16.59
N PRO A 296 -23.98 34.28 16.82
CA PRO A 296 -25.04 34.20 15.79
C PRO A 296 -24.63 34.83 14.48
N ASP A 297 -23.88 35.92 14.53
CA ASP A 297 -23.43 36.60 13.31
C ASP A 297 -22.53 35.71 12.42
N PHE A 298 -21.61 34.98 13.05
CA PHE A 298 -20.76 33.98 12.37
C PHE A 298 -21.58 32.87 11.76
N LYS A 299 -22.56 32.39 12.50
CA LYS A 299 -23.46 31.41 11.95
C LYS A 299 -24.19 31.93 10.70
N ASN A 300 -24.67 33.18 10.74
CA ASN A 300 -25.30 33.81 9.55
C ASN A 300 -24.33 33.94 8.39
N TYR A 301 -23.09 34.33 8.70
CA TYR A 301 -22.06 34.49 7.67
C TYR A 301 -21.86 33.15 6.92
N GLN A 302 -21.81 32.05 7.65
CA GLN A 302 -21.52 30.76 7.06
C GLN A 302 -22.67 30.26 6.15
N ASN A 303 -23.91 30.50 6.56
CA ASN A 303 -25.06 30.25 5.71
C ASN A 303 -25.01 31.09 4.48
N GLN A 304 -24.61 32.37 4.60
CA GLN A 304 -24.39 33.19 3.42
C GLN A 304 -23.25 32.69 2.53
N VAL A 305 -22.18 32.15 3.11
CA VAL A 305 -21.05 31.59 2.31
C VAL A 305 -21.55 30.51 1.32
N VAL A 306 -22.34 29.61 1.86
CA VAL A 306 -22.89 28.46 1.14
C VAL A 306 -23.96 28.90 0.15
N ALA A 307 -24.83 29.82 0.55
CA ALA A 307 -25.83 30.40 -0.37
C ALA A 307 -25.15 31.14 -1.54
N ASN A 308 -24.11 31.93 -1.24
CA ASN A 308 -23.37 32.59 -2.31
C ASN A 308 -22.65 31.65 -3.27
N CYS A 309 -22.12 30.58 -2.74
CA CYS A 309 -21.44 29.61 -3.60
C CYS A 309 -22.48 28.92 -4.57
N ARG A 310 -23.68 28.64 -4.06
CA ARG A 310 -24.75 28.04 -4.81
C ARG A 310 -25.22 29.00 -5.92
N ALA A 311 -25.34 30.30 -5.61
CA ALA A 311 -25.74 31.25 -6.61
C ALA A 311 -24.70 31.31 -7.73
N LEU A 312 -23.43 31.20 -7.36
CA LEU A 312 -22.33 31.22 -8.32
C LEU A 312 -22.33 29.98 -9.18
N ALA A 313 -22.51 28.83 -8.54
CA ALA A 313 -22.49 27.57 -9.19
C ALA A 313 -23.65 27.48 -10.21
N ASN A 314 -24.84 27.87 -9.78
CA ASN A 314 -26.01 27.87 -10.70
C ASN A 314 -25.82 28.78 -11.90
N ARG A 315 -25.33 30.00 -11.72
CA ARG A 315 -25.03 30.86 -12.86
C ARG A 315 -23.93 30.28 -13.76
N LEU A 316 -22.91 29.67 -13.18
CA LEU A 316 -21.85 29.05 -14.00
C LEU A 316 -22.42 27.93 -14.91
N VAL A 317 -23.27 27.07 -14.36
CA VAL A 317 -23.79 25.97 -15.13
C VAL A 317 -24.80 26.44 -16.17
N GLU A 318 -25.46 27.59 -15.96
CA GLU A 318 -26.22 28.27 -17.03
C GLU A 318 -25.34 28.74 -18.20
N HIS A 319 -24.09 29.10 -17.92
CA HIS A 319 -23.12 29.39 -18.97
C HIS A 319 -22.50 28.11 -19.51
N GLU A 320 -23.02 26.96 -19.11
CA GLU A 320 -22.61 25.65 -19.65
C GLU A 320 -21.29 25.08 -19.09
N TYR A 321 -20.81 25.58 -17.94
CA TYR A 321 -19.64 24.96 -17.34
C TYR A 321 -19.98 23.66 -16.64
N LYS A 322 -19.01 22.76 -16.66
CA LYS A 322 -19.08 21.53 -15.91
C LYS A 322 -18.39 21.73 -14.57
N LEU A 323 -19.08 21.27 -13.53
CA LEU A 323 -18.61 21.35 -12.16
C LEU A 323 -18.32 19.97 -11.69
N VAL A 324 -17.13 19.78 -11.11
CA VAL A 324 -16.73 18.47 -10.63
C VAL A 324 -17.67 18.08 -9.51
N SER A 325 -18.15 16.83 -9.58
CA SER A 325 -19.22 16.29 -8.71
C SER A 325 -20.61 16.87 -8.97
N GLY A 326 -20.75 17.71 -9.99
CA GLY A 326 -22.06 18.28 -10.37
C GLY A 326 -22.53 19.52 -9.64
N GLY A 327 -21.74 19.99 -8.71
CA GLY A 327 -22.18 21.07 -7.85
C GLY A 327 -21.32 21.14 -6.59
N SER A 328 -21.92 21.63 -5.52
CA SER A 328 -21.25 21.87 -4.27
C SER A 328 -22.21 21.81 -3.10
N ASP A 329 -21.73 21.32 -1.96
CA ASP A 329 -22.46 21.40 -0.71
C ASP A 329 -21.87 22.48 0.17
N ASN A 330 -20.81 23.15 -0.26
CA ASN A 330 -20.04 23.98 0.66
C ASN A 330 -19.70 25.33 0.05
N HIS A 331 -18.54 25.83 0.36
CA HIS A 331 -18.12 27.17 0.04
C HIS A 331 -17.33 27.24 -1.28
N LEU A 332 -17.05 26.12 -1.90
CA LEU A 332 -16.22 26.14 -3.09
C LEU A 332 -16.87 25.36 -4.25
N VAL A 333 -16.52 25.73 -5.48
CA VAL A 333 -16.82 24.90 -6.66
C VAL A 333 -15.50 24.62 -7.33
N LEU A 334 -15.42 23.45 -7.94
CA LEU A 334 -14.30 23.08 -8.79
C LEU A 334 -14.86 22.95 -10.22
N VAL A 335 -14.45 23.87 -11.09
CA VAL A 335 -14.89 23.93 -12.47
C VAL A 335 -13.96 23.11 -13.36
N ASP A 336 -14.53 22.17 -14.12
CA ASP A 336 -13.76 21.35 -15.09
C ASP A 336 -13.86 22.11 -16.39
N LEU A 337 -12.77 22.77 -16.77
CA LEU A 337 -12.76 23.59 -17.96
C LEU A 337 -12.57 22.78 -19.26
N ARG A 338 -12.08 21.54 -19.18
CA ARG A 338 -11.78 20.78 -20.40
C ARG A 338 -12.94 20.67 -21.41
N PRO A 339 -14.18 20.43 -20.95
CA PRO A 339 -15.28 20.41 -21.94
C PRO A 339 -15.62 21.73 -22.58
N SER A 340 -15.18 22.84 -21.99
CA SER A 340 -15.28 24.18 -22.65
C SER A 340 -14.09 24.46 -23.57
N GLY A 341 -13.10 23.58 -23.61
CA GLY A 341 -11.99 23.67 -24.55
C GLY A 341 -10.72 24.34 -24.06
N ILE A 342 -10.48 24.35 -22.75
CA ILE A 342 -9.35 25.06 -22.17
C ILE A 342 -9.01 24.47 -20.80
N ASP A 343 -7.89 24.90 -20.26
CA ASP A 343 -7.40 24.40 -18.99
C ASP A 343 -7.37 25.54 -17.93
N GLY A 344 -7.03 25.17 -16.70
CA GLY A 344 -7.01 26.10 -15.60
C GLY A 344 -5.84 27.02 -15.61
N ALA A 345 -4.71 26.54 -16.11
CA ALA A 345 -3.50 27.36 -16.14
C ALA A 345 -3.69 28.60 -16.97
N ARG A 346 -4.30 28.46 -18.14
CA ARG A 346 -4.47 29.63 -19.01
C ARG A 346 -5.50 30.63 -18.46
N VAL A 347 -6.62 30.08 -18.05
CA VAL A 347 -7.73 30.82 -17.51
C VAL A 347 -7.33 31.62 -16.26
N GLU A 348 -6.65 30.96 -15.31
CA GLU A 348 -6.15 31.61 -14.08
C GLU A 348 -5.41 32.90 -14.38
N LYS A 349 -4.48 32.83 -15.35
CA LYS A 349 -3.68 33.98 -15.71
C LYS A 349 -4.50 35.18 -16.22
N ILE A 350 -5.43 34.92 -17.16
CA ILE A 350 -6.26 35.99 -17.72
C ILE A 350 -7.14 36.63 -16.63
N LEU A 351 -7.78 35.79 -15.84
CA LEU A 351 -8.58 36.23 -14.71
C LEU A 351 -7.76 37.09 -13.75
N ASP A 352 -6.56 36.65 -13.42
CA ASP A 352 -5.69 37.45 -12.54
C ASP A 352 -5.30 38.79 -13.15
N MET A 353 -5.09 38.85 -14.46
CA MET A 353 -4.82 40.11 -15.12
C MET A 353 -6.01 41.07 -15.05
N ALA A 354 -7.21 40.51 -14.91
CA ALA A 354 -8.43 41.26 -14.75
C ALA A 354 -8.89 41.42 -13.29
N SER A 355 -7.99 41.13 -12.34
CA SER A 355 -8.22 41.28 -10.91
C SER A 355 -9.22 40.29 -10.30
N ILE A 356 -9.37 39.14 -10.92
CA ILE A 356 -10.19 38.06 -10.38
C ILE A 356 -9.13 37.06 -9.95
N THR A 357 -8.99 36.89 -8.63
CA THR A 357 -7.99 35.99 -8.05
C THR A 357 -8.59 34.63 -7.69
N LEU A 358 -8.03 33.59 -8.27
CA LEU A 358 -8.40 32.23 -7.88
C LEU A 358 -7.23 31.30 -8.17
N ASN A 359 -7.44 29.99 -8.26
CA ASN A 359 -6.32 29.10 -8.55
C ASN A 359 -6.75 28.02 -9.49
N LYS A 360 -5.88 27.74 -10.47
CA LYS A 360 -5.96 26.52 -11.23
C LYS A 360 -5.89 25.32 -10.29
N ASN A 361 -6.50 24.22 -10.71
CA ASN A 361 -6.68 23.09 -9.85
C ASN A 361 -6.85 21.87 -10.74
N SER A 362 -6.22 20.76 -10.35
CA SER A 362 -6.40 19.50 -11.08
C SER A 362 -7.82 19.05 -10.92
N VAL A 363 -8.35 18.42 -11.96
CA VAL A 363 -9.66 17.78 -11.87
C VAL A 363 -9.47 16.29 -12.16
N PRO A 364 -10.44 15.44 -11.77
CA PRO A 364 -10.28 14.00 -12.01
C PRO A 364 -10.27 13.66 -13.51
N GLY A 365 -9.32 12.85 -13.93
CA GLY A 365 -9.09 12.60 -15.34
C GLY A 365 -7.93 13.43 -15.88
N ASP A 366 -6.83 13.46 -15.14
CA ASP A 366 -5.53 13.88 -15.68
C ASP A 366 -5.02 12.77 -16.62
N VAL A 371 -0.59 20.17 -17.49
CA VAL A 371 -1.39 21.32 -17.04
C VAL A 371 -2.80 20.99 -16.47
N PRO A 372 -3.18 21.62 -15.34
CA PRO A 372 -4.44 21.26 -14.69
C PRO A 372 -5.68 21.73 -15.43
N GLY A 373 -6.73 20.90 -15.37
CA GLY A 373 -7.91 21.10 -16.20
C GLY A 373 -8.95 22.01 -15.57
N GLY A 374 -8.78 22.43 -14.32
CA GLY A 374 -9.84 23.21 -13.65
C GLY A 374 -9.41 24.48 -12.95
N ILE A 375 -10.42 25.19 -12.42
CA ILE A 375 -10.23 26.30 -11.51
C ILE A 375 -11.09 26.08 -10.29
N ARG A 376 -10.56 26.43 -9.12
CA ARG A 376 -11.26 26.36 -7.85
C ARG A 376 -11.69 27.77 -7.47
N ILE A 377 -12.94 27.89 -7.03
CA ILE A 377 -13.55 29.18 -6.74
C ILE A 377 -14.22 29.09 -5.38
N GLY A 378 -13.92 30.04 -4.49
CA GLY A 378 -14.56 30.06 -3.20
C GLY A 378 -15.21 31.38 -2.84
N SER A 379 -16.26 31.27 -2.03
CA SER A 379 -17.04 32.40 -1.62
C SER A 379 -16.67 33.10 -0.26
N PRO A 380 -15.82 32.50 0.59
CA PRO A 380 -15.71 33.15 1.90
C PRO A 380 -15.22 34.57 1.95
N ALA A 381 -14.18 34.87 1.20
CA ALA A 381 -13.56 36.19 1.28
C ALA A 381 -14.52 37.28 0.86
N MET A 382 -15.15 37.15 -0.31
CA MET A 382 -16.06 38.19 -0.74
C MET A 382 -17.36 38.19 0.08
N THR A 383 -17.77 37.05 0.64
CA THR A 383 -18.93 37.02 1.49
C THR A 383 -18.67 37.87 2.73
N THR A 384 -17.45 37.80 3.25
CA THR A 384 -17.04 38.62 4.38
C THR A 384 -17.21 40.09 4.12
N ARG A 385 -16.90 40.51 2.90
CA ARG A 385 -17.06 41.88 2.46
C ARG A 385 -18.51 42.38 2.28
N GLY A 386 -19.44 41.46 2.24
CA GLY A 386 -20.87 41.77 2.21
C GLY A 386 -21.55 41.44 0.89
N LEU A 387 -20.88 40.80 -0.07
CA LEU A 387 -21.57 40.42 -1.32
C LEU A 387 -22.62 39.36 -1.03
N GLY A 388 -23.80 39.50 -1.64
CA GLY A 388 -24.84 38.48 -1.60
C GLY A 388 -24.97 37.68 -2.91
N GLU A 389 -26.11 37.01 -3.06
CA GLU A 389 -26.33 36.06 -4.15
C GLU A 389 -26.31 36.71 -5.53
N LYS A 390 -27.02 37.82 -5.66
CA LYS A 390 -27.01 38.65 -6.86
C LYS A 390 -25.58 38.99 -7.28
N GLU A 391 -24.73 39.32 -6.31
CA GLU A 391 -23.39 39.76 -6.63
C GLU A 391 -22.53 38.58 -7.08
N PHE A 392 -22.80 37.44 -6.49
CA PHE A 392 -22.13 36.19 -6.90
C PHE A 392 -22.54 35.71 -8.28
N GLU A 393 -23.79 35.98 -8.66
CA GLU A 393 -24.22 35.73 -10.05
C GLU A 393 -23.47 36.64 -11.02
N LEU A 394 -23.27 37.91 -10.65
CA LEU A 394 -22.42 38.79 -11.44
C LEU A 394 -20.95 38.28 -11.49
N ILE A 395 -20.41 37.81 -10.38
CA ILE A 395 -19.08 37.19 -10.38
C ILE A 395 -18.97 36.08 -11.40
N ALA A 396 -19.96 35.19 -11.44
CA ALA A 396 -19.98 34.13 -12.45
C ALA A 396 -19.97 34.65 -13.88
N ASP A 397 -20.77 35.68 -14.13
CA ASP A 397 -20.80 36.32 -15.43
C ASP A 397 -19.42 36.88 -15.77
N LEU A 398 -18.76 37.49 -14.78
CA LEU A 398 -17.42 38.05 -15.00
C LEU A 398 -16.38 36.97 -15.26
N ILE A 399 -16.50 35.88 -14.54
CA ILE A 399 -15.61 34.74 -14.76
C ILE A 399 -15.82 34.22 -16.17
N HIS A 400 -17.09 34.12 -16.57
CA HIS A 400 -17.47 33.69 -17.95
C HIS A 400 -16.83 34.57 -19.02
N GLU A 401 -16.94 35.88 -18.89
CA GLU A 401 -16.26 36.78 -19.81
C GLU A 401 -14.75 36.55 -19.84
N GLY A 402 -14.15 36.30 -18.68
CA GLY A 402 -12.73 35.96 -18.62
C GLY A 402 -12.34 34.64 -19.27
N VAL A 403 -13.19 33.63 -19.13
CA VAL A 403 -12.94 32.37 -19.78
C VAL A 403 -13.07 32.57 -21.30
N ARG A 404 -14.09 33.31 -21.74
CA ARG A 404 -14.24 33.63 -23.20
C ARG A 404 -13.01 34.40 -23.72
N ILE A 405 -12.45 35.32 -22.93
CA ILE A 405 -11.24 35.99 -23.37
C ILE A 405 -10.11 35.00 -23.44
N SER A 406 -10.05 34.05 -22.51
CA SER A 406 -8.99 33.08 -22.45
C SER A 406 -9.08 32.14 -23.67
N LEU A 407 -10.29 31.77 -24.04
CA LEU A 407 -10.47 30.88 -25.22
C LEU A 407 -10.08 31.59 -26.49
N GLU A 408 -10.46 32.85 -26.60
CA GLU A 408 -10.07 33.66 -27.74
C GLU A 408 -8.53 33.75 -27.79
N ALA A 409 -7.87 34.00 -26.65
CA ALA A 409 -6.42 34.13 -26.66
C ALA A 409 -5.72 32.80 -27.02
N LYS A 410 -6.28 31.70 -26.56
CA LYS A 410 -5.71 30.38 -26.78
C LYS A 410 -5.76 30.07 -28.29
N SER A 411 -6.88 30.42 -28.90
CA SER A 411 -7.05 30.33 -30.32
C SER A 411 -6.01 31.22 -31.05
N LEU A 412 -5.85 32.47 -30.65
CA LEU A 412 -4.96 33.42 -31.36
C LEU A 412 -3.46 33.20 -31.20
N VAL A 413 -3.03 32.64 -30.08
CA VAL A 413 -1.60 32.35 -29.90
C VAL A 413 -1.19 31.21 -30.82
N SER A 414 0.04 31.24 -31.33
CA SER A 414 0.49 30.18 -32.28
C SER A 414 1.10 28.98 -31.54
N GLY A 415 2.00 29.25 -30.61
CA GLY A 415 2.54 28.19 -29.75
C GLY A 415 1.46 27.48 -28.96
N THR A 416 1.61 26.18 -28.77
CA THR A 416 0.65 25.31 -28.05
C THR A 416 1.01 25.03 -26.57
N LYS A 417 2.16 25.52 -26.12
CA LYS A 417 2.56 25.37 -24.73
C LYS A 417 1.83 26.40 -23.81
N VAL A 418 1.73 26.07 -22.53
CA VAL A 418 1.26 27.03 -21.54
C VAL A 418 2.21 28.23 -21.50
N GLN A 419 3.54 28.00 -21.52
CA GLN A 419 4.50 29.11 -21.54
C GLN A 419 4.38 30.04 -22.78
N ASP A 420 3.98 29.46 -23.92
CA ASP A 420 3.70 30.26 -25.14
C ASP A 420 2.50 31.19 -24.90
N PHE A 421 1.44 30.62 -24.31
CA PHE A 421 0.27 31.40 -23.90
C PHE A 421 0.65 32.55 -22.97
N LEU A 422 1.36 32.21 -21.91
CA LEU A 422 1.85 33.23 -20.97
C LEU A 422 2.58 34.37 -21.64
N ASN A 423 3.58 34.02 -22.45
CA ASN A 423 4.34 35.04 -23.21
C ASN A 423 3.42 35.92 -24.06
N PHE A 424 2.47 35.30 -24.74
CA PHE A 424 1.52 36.01 -25.57
C PHE A 424 0.68 37.02 -24.76
N VAL A 425 0.10 36.59 -23.65
CA VAL A 425 -0.83 37.47 -22.86
C VAL A 425 -0.13 38.58 -22.03
N LEU A 426 1.12 38.34 -21.67
CA LEU A 426 1.92 39.30 -20.90
C LEU A 426 2.72 40.26 -21.77
N ALA A 427 2.76 40.02 -23.09
CA ALA A 427 3.50 40.88 -24.00
C ALA A 427 2.78 42.23 -24.09
N PRO A 428 3.53 43.35 -24.23
CA PRO A 428 2.87 44.68 -24.36
C PRO A 428 1.99 44.81 -25.64
N GLU A 429 2.37 44.10 -26.70
CA GLU A 429 1.59 43.99 -27.95
C GLU A 429 0.27 43.19 -27.82
N PHE A 430 0.03 42.53 -26.67
CA PHE A 430 -1.09 41.60 -26.47
C PHE A 430 -2.40 42.13 -27.04
N PRO A 431 -2.88 41.52 -28.15
CA PRO A 431 -4.02 42.11 -28.83
C PRO A 431 -5.36 42.08 -28.10
N LEU A 432 -5.52 41.31 -27.01
CA LEU A 432 -6.78 41.35 -26.31
C LEU A 432 -6.72 42.21 -25.05
N GLY A 433 -5.68 43.04 -24.92
CA GLY A 433 -5.48 43.88 -23.74
C GLY A 433 -6.71 44.70 -23.41
N ASP A 434 -7.39 45.20 -24.44
CA ASP A 434 -8.53 46.05 -24.25
C ASP A 434 -9.71 45.29 -23.68
N LYS A 435 -9.88 44.05 -24.10
CA LYS A 435 -10.92 43.23 -23.47
C LYS A 435 -10.58 42.93 -21.98
N VAL A 436 -9.31 42.70 -21.67
CA VAL A 436 -8.91 42.44 -20.30
C VAL A 436 -9.18 43.70 -19.45
N SER A 437 -8.75 44.87 -19.93
CA SER A 437 -8.98 46.14 -19.23
C SER A 437 -10.44 46.41 -18.96
N ASN A 438 -11.24 46.15 -19.98
CA ASN A 438 -12.65 46.34 -19.89
C ASN A 438 -13.30 45.41 -18.85
N LEU A 439 -12.90 44.14 -18.85
CA LEU A 439 -13.33 43.21 -17.77
C LEU A 439 -12.81 43.68 -16.37
N ARG A 440 -11.53 44.07 -16.31
CA ARG A 440 -10.90 44.55 -15.06
C ARG A 440 -11.69 45.72 -14.48
N ARG A 441 -12.04 46.68 -15.34
CA ARG A 441 -12.90 47.84 -14.96
C ARG A 441 -14.21 47.40 -14.28
N LYS A 442 -14.87 46.39 -14.80
CA LYS A 442 -16.12 45.91 -14.22
C LYS A 442 -15.89 45.13 -12.92
N VAL A 443 -14.80 44.38 -12.89
CA VAL A 443 -14.42 43.66 -11.65
C VAL A 443 -14.21 44.63 -10.49
N GLU A 444 -13.42 45.68 -10.72
CA GLU A 444 -13.09 46.69 -9.73
C GLU A 444 -14.28 47.56 -9.36
N ALA A 445 -15.17 47.83 -10.32
CA ALA A 445 -16.41 48.56 -10.03
C ALA A 445 -17.26 47.74 -9.10
N LEU A 446 -17.23 46.40 -9.19
CA LEU A 446 -17.99 45.62 -8.19
C LEU A 446 -17.28 45.61 -6.81
N ALA A 447 -16.02 45.20 -6.79
CA ALA A 447 -15.31 45.00 -5.55
C ALA A 447 -15.22 46.28 -4.69
N THR A 448 -15.00 47.42 -5.34
CA THR A 448 -14.82 48.71 -4.64
C THR A 448 -16.13 49.31 -4.07
N GLN A 449 -17.29 48.69 -4.31
CA GLN A 449 -18.51 49.05 -3.60
C GLN A 449 -18.53 48.56 -2.16
N TYR A 450 -17.63 47.64 -1.80
CA TYR A 450 -17.71 46.97 -0.50
C TYR A 450 -16.51 47.39 0.35
N PRO A 451 -16.71 47.55 1.66
CA PRO A 451 -15.57 47.74 2.56
C PRO A 451 -14.76 46.45 2.71
N ILE A 452 -13.60 46.60 3.31
CA ILE A 452 -12.70 45.49 3.58
C ILE A 452 -12.25 45.65 5.05
N PRO A 453 -12.34 44.58 5.85
CA PRO A 453 -11.91 44.65 7.24
C PRO A 453 -10.39 44.65 7.41
N GLY A 454 -9.93 44.95 8.61
CA GLY A 454 -8.51 44.92 8.97
C GLY A 454 -8.07 46.27 9.49
N VAL A 455 -6.84 46.34 9.99
CA VAL A 455 -6.34 47.62 10.58
C VAL A 455 -6.09 48.65 9.46
N PHE B 4 40.95 -38.64 14.41
CA PHE B 4 41.85 -39.74 14.83
C PHE B 4 41.22 -41.11 14.53
N LEU B 5 39.90 -41.26 14.69
CA LEU B 5 39.19 -42.50 14.29
C LEU B 5 37.91 -42.21 13.49
N ASP B 6 37.91 -42.69 12.23
CA ASP B 6 36.93 -42.23 11.21
C ASP B 6 35.90 -43.34 10.87
N TYR B 7 35.05 -43.66 11.87
CA TYR B 7 34.02 -44.69 11.77
C TYR B 7 32.85 -44.31 10.90
N GLY B 8 32.17 -45.31 10.41
CA GLY B 8 30.89 -45.11 9.73
C GLY B 8 29.85 -44.69 10.76
N LEU B 9 28.73 -44.17 10.25
CA LEU B 9 27.64 -43.64 11.10
C LEU B 9 27.04 -44.68 12.05
N SER B 10 26.85 -45.90 11.57
CA SER B 10 26.23 -46.96 12.39
C SER B 10 27.11 -47.27 13.59
N GLU B 11 28.44 -47.22 13.42
CA GLU B 11 29.35 -47.33 14.55
C GLU B 11 29.50 -46.03 15.40
N ALA B 12 29.69 -44.88 14.76
CA ALA B 12 29.93 -43.63 15.50
C ALA B 12 28.70 -43.19 16.31
N ASP B 13 27.52 -43.37 15.73
CA ASP B 13 26.33 -42.81 16.36
C ASP B 13 25.10 -43.65 16.03
N PRO B 14 24.92 -44.75 16.78
CA PRO B 14 23.82 -45.62 16.46
C PRO B 14 22.46 -44.97 16.65
N ASP B 15 22.33 -44.00 17.54
CA ASP B 15 21.01 -43.34 17.72
C ASP B 15 20.54 -42.52 16.50
N VAL B 16 21.46 -41.82 15.87
CA VAL B 16 21.17 -41.05 14.69
C VAL B 16 20.95 -42.02 13.55
N HIS B 17 21.81 -43.01 13.45
CA HIS B 17 21.65 -44.05 12.45
C HIS B 17 20.24 -44.67 12.55
N ALA B 18 19.83 -45.04 13.78
CA ALA B 18 18.49 -45.59 13.98
C ALA B 18 17.39 -44.66 13.45
N ILE B 19 17.52 -43.35 13.70
CA ILE B 19 16.49 -42.41 13.33
C ILE B 19 16.42 -42.29 11.83
N ILE B 20 17.58 -42.26 11.16
CA ILE B 20 17.62 -42.27 9.70
C ILE B 20 16.99 -43.58 9.15
N ASN B 21 17.28 -44.71 9.81
CA ASN B 21 16.64 -45.98 9.43
C ASN B 21 15.13 -45.91 9.50
N LYS B 22 14.61 -45.37 10.58
CA LYS B 22 13.17 -45.10 10.71
C LYS B 22 12.56 -44.23 9.64
N GLU B 23 13.25 -43.13 9.29
CA GLU B 23 12.73 -42.21 8.27
C GLU B 23 12.76 -42.86 6.88
N LYS B 24 13.81 -43.63 6.62
CA LYS B 24 13.94 -44.39 5.38
C LYS B 24 12.73 -45.33 5.26
N ASP B 25 12.44 -46.03 6.35
CA ASP B 25 11.30 -46.92 6.36
C ASP B 25 9.95 -46.21 6.19
N ARG B 26 9.80 -45.10 6.89
CA ARG B 26 8.62 -44.26 6.75
C ARG B 26 8.39 -43.82 5.31
N GLN B 27 9.45 -43.37 4.64
CA GLN B 27 9.36 -42.95 3.24
C GLN B 27 8.91 -44.09 2.32
N PHE B 28 9.44 -45.27 2.56
CA PHE B 28 9.09 -46.46 1.82
C PHE B 28 7.63 -46.86 1.96
N ARG B 29 7.12 -46.84 3.18
CA ARG B 29 5.78 -47.31 3.54
C ARG B 29 4.69 -46.30 3.23
N SER B 30 5.02 -45.03 3.10
CA SER B 30 3.99 -44.02 2.93
C SER B 30 3.68 -43.57 1.51
N LEU B 31 2.49 -43.01 1.35
CA LEU B 31 2.19 -42.16 0.19
C LEU B 31 2.57 -40.72 0.52
N GLU B 32 3.72 -40.28 0.02
CA GLU B 32 4.17 -38.89 0.24
C GLU B 32 3.51 -37.97 -0.79
N LEU B 33 2.56 -37.17 -0.34
CA LEU B 33 1.76 -36.30 -1.25
C LEU B 33 1.96 -34.81 -0.94
N ILE B 34 3.05 -34.48 -0.27
CA ILE B 34 3.36 -33.11 -0.02
C ILE B 34 3.87 -32.61 -1.35
N ALA B 35 3.24 -31.54 -1.86
CA ALA B 35 3.59 -31.03 -3.19
C ALA B 35 5.02 -30.54 -3.26
N SER B 36 5.51 -30.04 -2.13
CA SER B 36 6.88 -29.61 -1.94
C SER B 36 7.93 -30.67 -1.75
N GLU B 37 7.58 -31.96 -1.76
CA GLU B 37 8.57 -32.99 -1.52
C GLU B 37 8.84 -33.72 -2.82
N ASN B 38 10.03 -34.28 -2.87
CA ASN B 38 10.39 -35.22 -3.89
C ASN B 38 11.38 -36.17 -3.29
N PHE B 39 11.79 -37.16 -4.10
CA PHE B 39 12.80 -38.10 -3.69
C PHE B 39 14.00 -37.89 -4.60
N THR B 40 15.11 -37.37 -4.04
CA THR B 40 16.29 -37.13 -4.86
C THR B 40 17.09 -38.39 -5.08
N SER B 41 17.99 -38.32 -6.05
CA SER B 41 18.73 -39.48 -6.49
C SER B 41 19.94 -39.82 -5.58
N LYS B 42 20.37 -41.07 -5.71
CA LYS B 42 21.60 -41.56 -5.13
C LYS B 42 22.75 -40.67 -5.53
N ALA B 43 22.79 -40.22 -6.79
CA ALA B 43 23.93 -39.44 -7.27
C ALA B 43 23.98 -38.06 -6.60
N VAL B 44 22.82 -37.41 -6.46
CA VAL B 44 22.76 -36.14 -5.75
C VAL B 44 23.26 -36.33 -4.32
N MET B 45 22.77 -37.37 -3.66
CA MET B 45 23.11 -37.63 -2.25
C MET B 45 24.62 -37.88 -2.06
N GLU B 46 25.24 -38.56 -3.03
CA GLU B 46 26.66 -38.84 -2.98
C GLU B 46 27.46 -37.57 -3.11
N ALA B 47 27.05 -36.66 -3.98
CA ALA B 47 27.76 -35.38 -4.07
C ALA B 47 27.60 -34.55 -2.79
N VAL B 48 26.37 -34.50 -2.26
CA VAL B 48 26.09 -33.73 -1.07
C VAL B 48 26.87 -34.28 0.17
N GLY B 49 26.97 -35.61 0.28
CA GLY B 49 27.77 -36.26 1.29
C GLY B 49 29.24 -36.52 0.93
N SER B 50 29.92 -35.51 0.42
CA SER B 50 31.27 -35.64 -0.08
C SER B 50 32.12 -34.61 0.64
N CYS B 51 33.40 -34.62 0.29
CA CYS B 51 34.41 -33.71 0.85
C CYS B 51 34.30 -32.29 0.34
N LEU B 52 33.39 -32.04 -0.61
CA LEU B 52 33.08 -30.66 -0.97
C LEU B 52 32.63 -29.83 0.23
N THR B 53 32.06 -30.47 1.24
CA THR B 53 31.62 -29.76 2.42
C THR B 53 32.77 -29.06 3.17
N ASN B 54 34.01 -29.52 3.00
CA ASN B 54 35.16 -28.92 3.72
C ASN B 54 35.73 -27.56 3.27
N LYS B 55 35.34 -27.06 2.07
CA LYS B 55 36.01 -25.91 1.47
C LYS B 55 35.32 -24.58 1.72
N TYR B 56 36.11 -23.58 2.17
CA TYR B 56 35.63 -22.23 2.41
C TYR B 56 35.97 -21.40 1.15
N SER B 57 34.94 -20.82 0.51
CA SER B 57 35.11 -20.26 -0.83
C SER B 57 34.34 -18.95 -1.05
N GLU B 58 34.35 -18.06 -0.05
CA GLU B 58 33.72 -16.73 -0.20
C GLU B 58 34.18 -15.96 -1.45
N GLY B 59 33.23 -15.34 -2.15
CA GLY B 59 33.50 -14.58 -3.37
C GLY B 59 32.80 -15.26 -4.56
N LEU B 60 33.46 -15.21 -5.73
CA LEU B 60 32.95 -15.75 -6.99
C LEU B 60 34.09 -16.50 -7.68
N PRO B 61 33.76 -17.42 -8.62
CA PRO B 61 34.79 -18.09 -9.44
C PRO B 61 35.90 -17.12 -9.93
N GLY B 62 37.15 -17.37 -9.51
CA GLY B 62 38.29 -16.53 -9.85
C GLY B 62 38.48 -15.24 -9.04
N LYS B 63 37.53 -14.88 -8.18
CA LYS B 63 37.67 -13.74 -7.25
C LYS B 63 37.27 -14.19 -5.84
N ARG B 64 38.09 -15.06 -5.27
CA ARG B 64 37.87 -15.65 -3.95
C ARG B 64 38.64 -14.92 -2.84
N TYR B 65 38.01 -14.79 -1.67
CA TYR B 65 38.67 -14.23 -0.48
C TYR B 65 39.62 -15.24 0.23
N TYR B 66 39.58 -16.50 -0.19
CA TYR B 66 40.36 -17.58 0.39
C TYR B 66 41.13 -18.26 -0.75
N GLY B 67 42.30 -18.81 -0.43
CA GLY B 67 43.05 -19.63 -1.38
C GLY B 67 42.45 -21.02 -1.57
N GLY B 68 42.97 -21.75 -2.57
CA GLY B 68 42.71 -23.17 -2.75
C GLY B 68 41.43 -23.56 -3.47
N ASN B 69 40.80 -22.62 -4.20
CA ASN B 69 39.46 -22.82 -4.80
C ASN B 69 39.43 -23.14 -6.32
N GLU B 70 40.58 -23.50 -6.92
CA GLU B 70 40.67 -24.02 -8.32
C GLU B 70 39.45 -24.87 -8.70
N HIS B 71 39.18 -25.91 -7.91
CA HIS B 71 38.21 -26.96 -8.30
C HIS B 71 36.79 -26.55 -7.95
N ILE B 72 36.64 -25.84 -6.82
CA ILE B 72 35.34 -25.21 -6.44
C ILE B 72 34.86 -24.21 -7.52
N ASP B 73 35.77 -23.44 -8.11
CA ASP B 73 35.40 -22.49 -9.18
C ASP B 73 34.85 -23.26 -10.39
N GLU B 74 35.59 -24.31 -10.75
CA GLU B 74 35.20 -25.25 -11.81
C GLU B 74 33.78 -25.77 -11.61
N LEU B 75 33.50 -26.25 -10.43
CA LEU B 75 32.17 -26.75 -10.13
C LEU B 75 31.08 -25.67 -10.19
N GLU B 76 31.36 -24.52 -9.61
CA GLU B 76 30.37 -23.47 -9.57
C GLU B 76 30.00 -23.00 -11.02
N ILE B 77 30.99 -22.85 -11.89
CA ILE B 77 30.77 -22.47 -13.29
C ILE B 77 30.00 -23.55 -14.04
N LEU B 78 30.38 -24.80 -13.86
CA LEU B 78 29.66 -25.91 -14.45
C LEU B 78 28.20 -25.84 -14.05
N CYS B 79 27.97 -25.66 -12.77
CA CYS B 79 26.62 -25.56 -12.24
C CYS B 79 25.83 -24.42 -12.88
N GLN B 80 26.47 -23.28 -13.03
CA GLN B 80 25.82 -22.16 -13.73
C GLN B 80 25.47 -22.46 -15.17
N GLN B 81 26.39 -23.06 -15.92
CA GLN B 81 26.13 -23.37 -17.32
C GLN B 81 25.04 -24.39 -17.48
N ARG B 82 24.97 -25.37 -16.57
CA ARG B 82 23.87 -26.34 -16.58
C ARG B 82 22.52 -25.76 -16.17
N ALA B 83 22.50 -24.81 -15.25
CA ALA B 83 21.27 -24.08 -14.96
C ALA B 83 20.75 -23.28 -16.16
N LEU B 84 21.64 -22.58 -16.84
CA LEU B 84 21.25 -21.85 -18.04
C LEU B 84 20.70 -22.80 -19.09
N ALA B 85 21.41 -23.90 -19.34
CA ALA B 85 20.97 -24.88 -20.31
C ALA B 85 19.67 -25.57 -19.93
N ALA B 86 19.47 -25.86 -18.65
CA ALA B 86 18.25 -26.57 -18.25
C ALA B 86 16.97 -25.75 -18.53
N PHE B 87 17.11 -24.43 -18.57
CA PHE B 87 15.98 -23.53 -18.81
C PHE B 87 16.05 -22.84 -20.17
N HIS B 88 16.92 -23.33 -21.05
CA HIS B 88 17.02 -22.93 -22.45
C HIS B 88 17.39 -21.49 -22.64
N LEU B 89 18.36 -21.04 -21.83
CA LEU B 89 18.72 -19.65 -21.75
C LEU B 89 20.03 -19.36 -22.48
N ASP B 90 20.04 -18.27 -23.20
CA ASP B 90 21.21 -17.70 -23.81
C ASP B 90 22.05 -17.03 -22.70
N GLY B 91 23.30 -17.42 -22.55
CA GLY B 91 24.22 -16.83 -21.59
C GLY B 91 24.61 -15.36 -21.74
N ASP B 92 24.35 -14.77 -22.92
CA ASP B 92 24.57 -13.33 -23.14
C ASP B 92 23.42 -12.50 -22.66
N LYS B 93 22.25 -13.13 -22.49
CA LYS B 93 21.06 -12.49 -21.94
C LYS B 93 20.78 -12.81 -20.46
N TRP B 94 21.14 -14.01 -20.00
CA TRP B 94 20.84 -14.43 -18.61
C TRP B 94 22.08 -14.87 -17.87
N GLY B 95 22.10 -14.59 -16.58
CA GLY B 95 23.10 -15.06 -15.67
C GLY B 95 22.36 -15.76 -14.55
N VAL B 96 23.13 -16.43 -13.68
CA VAL B 96 22.60 -17.18 -12.57
C VAL B 96 23.58 -17.23 -11.40
N ASN B 97 23.03 -17.08 -10.20
CA ASN B 97 23.77 -17.24 -8.98
C ASN B 97 23.26 -18.52 -8.30
N VAL B 98 24.17 -19.50 -8.12
CA VAL B 98 23.82 -20.81 -7.53
C VAL B 98 24.17 -20.96 -6.08
N GLN B 99 24.59 -19.87 -5.44
CA GLN B 99 24.94 -19.84 -3.98
C GLN B 99 23.82 -19.76 -2.92
N PRO B 100 22.61 -19.27 -3.27
CA PRO B 100 21.67 -19.15 -2.16
C PRO B 100 21.44 -20.46 -1.47
N LEU B 101 21.28 -20.38 -0.16
CA LEU B 101 21.17 -21.59 0.63
C LEU B 101 19.82 -22.25 0.57
N SER B 102 18.79 -21.48 0.23
CA SER B 102 17.45 -22.01 0.06
C SER B 102 16.61 -20.99 -0.67
N GLY B 103 15.30 -21.23 -0.75
CA GLY B 103 14.41 -20.36 -1.51
C GLY B 103 14.19 -19.02 -0.88
N SER B 104 13.92 -18.99 0.43
CA SER B 104 13.69 -17.71 1.12
C SER B 104 14.91 -16.78 1.06
N PRO B 105 16.11 -17.34 1.34
CA PRO B 105 17.31 -16.51 1.19
C PRO B 105 17.52 -16.07 -0.26
N ALA B 106 17.24 -16.93 -1.26
CA ALA B 106 17.30 -16.49 -2.65
C ALA B 106 16.43 -15.23 -2.85
N ASN B 107 15.17 -15.31 -2.44
CA ASN B 107 14.24 -14.20 -2.60
C ASN B 107 14.71 -12.96 -1.85
N PHE B 108 15.19 -13.18 -0.62
CA PHE B 108 15.60 -12.05 0.21
C PHE B 108 16.83 -11.34 -0.37
N ALA B 109 17.71 -12.12 -1.02
CA ALA B 109 18.85 -11.57 -1.72
C ALA B 109 18.43 -10.72 -2.88
N VAL B 110 17.42 -11.17 -3.63
CA VAL B 110 16.89 -10.31 -4.73
C VAL B 110 16.38 -8.94 -4.17
N TYR B 111 15.61 -8.97 -3.11
CA TYR B 111 15.08 -7.73 -2.51
C TYR B 111 16.21 -6.83 -2.07
N THR B 112 17.15 -7.40 -1.33
CA THR B 112 18.37 -6.69 -0.92
C THR B 112 19.10 -6.09 -2.12
N ALA B 113 19.17 -6.83 -3.24
CA ALA B 113 19.88 -6.36 -4.43
C ALA B 113 19.25 -5.14 -5.12
N ILE B 114 17.93 -5.19 -5.33
CA ILE B 114 17.28 -4.21 -6.20
C ILE B 114 16.38 -3.21 -5.49
N LEU B 115 16.10 -3.46 -4.21
CA LEU B 115 15.24 -2.59 -3.41
C LEU B 115 16.06 -1.95 -2.25
N LYS B 116 15.56 -0.82 -1.76
CA LYS B 116 15.96 -0.26 -0.49
C LYS B 116 15.01 -0.74 0.57
N PRO B 117 15.40 -0.73 1.86
CA PRO B 117 14.45 -0.99 2.92
C PRO B 117 13.19 -0.13 2.81
N HIS B 118 12.03 -0.74 3.12
CA HIS B 118 10.68 -0.17 3.00
C HIS B 118 10.14 0.09 1.59
N ASP B 119 10.90 -0.26 0.56
CA ASP B 119 10.34 -0.31 -0.76
C ASP B 119 9.19 -1.30 -0.86
N ARG B 120 8.33 -1.08 -1.86
CA ARG B 120 7.07 -1.76 -1.95
C ARG B 120 7.09 -2.98 -2.84
N ILE B 121 6.41 -4.03 -2.36
CA ILE B 121 6.39 -5.34 -2.99
C ILE B 121 4.95 -5.83 -2.99
N MET B 122 4.50 -6.36 -4.12
CA MET B 122 3.26 -7.14 -4.19
C MET B 122 3.55 -8.63 -4.54
N GLY B 123 2.80 -9.51 -3.89
CA GLY B 123 2.84 -10.96 -4.14
C GLY B 123 1.50 -11.57 -3.73
N LEU B 124 1.31 -12.82 -4.11
CA LEU B 124 0.06 -13.53 -3.91
C LEU B 124 -0.19 -13.80 -2.45
N ASP B 125 -1.36 -13.39 -1.96
CA ASP B 125 -1.78 -13.43 -0.55
C ASP B 125 -1.63 -14.83 -0.03
N LEU B 126 -1.14 -14.93 1.21
CA LEU B 126 -0.82 -16.22 1.86
C LEU B 126 -2.03 -17.22 1.93
N PRO B 127 -3.22 -16.76 2.41
CA PRO B 127 -4.42 -17.64 2.33
C PRO B 127 -4.95 -17.97 0.89
N HIS B 128 -4.43 -17.27 -0.12
CA HIS B 128 -4.81 -17.49 -1.51
C HIS B 128 -3.69 -18.25 -2.31
N GLY B 129 -2.79 -18.94 -1.59
CA GLY B 129 -1.78 -19.82 -2.20
C GLY B 129 -0.36 -19.27 -2.30
N GLY B 130 -0.10 -18.12 -1.69
CA GLY B 130 1.22 -17.51 -1.75
C GLY B 130 2.23 -18.18 -0.85
N HIS B 131 3.50 -17.80 -1.03
CA HIS B 131 4.57 -18.18 -0.10
C HIS B 131 4.88 -17.00 0.86
N LEU B 132 5.25 -17.36 2.10
CA LEU B 132 5.59 -16.40 3.18
C LEU B 132 6.57 -15.29 2.77
N SER B 133 7.63 -15.68 2.05
CA SER B 133 8.66 -14.75 1.57
C SER B 133 8.21 -13.84 0.40
N HIS B 134 6.93 -13.78 0.12
CA HIS B 134 6.40 -12.90 -0.95
C HIS B 134 5.60 -11.69 -0.44
N GLY B 135 4.62 -11.27 -1.24
CA GLY B 135 3.71 -10.17 -1.01
C GLY B 135 2.93 -10.43 0.25
N PHE B 136 2.52 -11.67 0.47
CA PHE B 136 1.95 -12.15 1.74
C PHE B 136 0.55 -11.74 2.23
N ARG B 142 3.36 -8.33 11.63
CA ARG B 142 4.27 -8.66 10.52
C ARG B 142 4.99 -10.03 10.69
N VAL B 143 4.63 -11.00 9.85
CA VAL B 143 4.99 -12.43 10.04
C VAL B 143 6.27 -12.77 9.28
N SER B 144 6.25 -12.53 7.97
CA SER B 144 7.41 -12.79 7.10
C SER B 144 8.47 -11.68 7.22
N GLY B 145 9.72 -12.06 6.97
CA GLY B 145 10.83 -11.10 6.87
C GLY B 145 10.68 -10.13 5.71
N THR B 146 10.07 -10.60 4.63
CA THR B 146 9.67 -9.75 3.53
C THR B 146 8.76 -8.56 3.97
N SER B 147 7.84 -8.81 4.90
CA SER B 147 6.92 -7.79 5.39
C SER B 147 7.53 -6.94 6.48
N ILE B 148 8.59 -7.44 7.11
CA ILE B 148 9.29 -6.70 8.15
C ILE B 148 10.16 -5.62 7.59
N TYR B 149 10.93 -5.95 6.55
CA TYR B 149 11.99 -5.09 6.06
C TYR B 149 11.55 -4.29 4.85
N PHE B 150 10.45 -4.71 4.21
CA PHE B 150 9.86 -4.04 3.05
C PHE B 150 8.37 -3.80 3.32
N GLU B 151 7.72 -3.09 2.41
CA GLU B 151 6.33 -2.76 2.55
C GLU B 151 5.57 -3.60 1.55
N SER B 152 4.90 -4.62 2.05
CA SER B 152 4.27 -5.57 1.17
C SER B 152 2.77 -5.33 1.15
N MET B 153 2.14 -5.63 0.02
CA MET B 153 0.68 -5.66 -0.05
C MET B 153 0.29 -6.85 -0.89
N PRO B 154 -0.67 -7.65 -0.43
CA PRO B 154 -1.05 -8.80 -1.25
C PRO B 154 -1.96 -8.49 -2.45
N TYR B 155 -1.92 -9.39 -3.43
CA TYR B 155 -3.01 -9.56 -4.40
C TYR B 155 -3.57 -10.95 -4.16
N ARG B 156 -4.83 -11.11 -4.55
CA ARG B 156 -5.60 -12.27 -4.18
C ARG B 156 -6.17 -13.01 -5.41
N LEU B 157 -6.55 -14.25 -5.18
CA LEU B 157 -7.49 -15.01 -6.05
C LEU B 157 -8.90 -14.45 -6.03
N ASP B 158 -9.51 -14.31 -7.20
CA ASP B 158 -10.98 -14.23 -7.32
C ASP B 158 -11.57 -15.47 -6.65
N GLU B 159 -12.26 -15.26 -5.52
CA GLU B 159 -12.77 -16.36 -4.66
C GLU B 159 -13.87 -17.18 -5.34
N SER B 160 -14.52 -16.64 -6.37
CA SER B 160 -15.54 -17.39 -7.11
C SER B 160 -15.00 -18.21 -8.31
N THR B 161 -13.80 -17.91 -8.80
CA THR B 161 -13.18 -18.75 -9.83
C THR B 161 -11.88 -19.45 -9.40
N GLY B 162 -11.34 -19.11 -8.24
CA GLY B 162 -10.04 -19.61 -7.81
C GLY B 162 -8.87 -19.25 -8.72
N VAL B 163 -9.02 -18.24 -9.57
CA VAL B 163 -7.93 -17.75 -10.41
C VAL B 163 -7.48 -16.38 -9.86
N ILE B 164 -6.21 -16.05 -10.07
CA ILE B 164 -5.65 -14.73 -9.72
C ILE B 164 -6.59 -13.67 -10.29
N ASP B 165 -6.93 -12.69 -9.48
CA ASP B 165 -7.77 -11.58 -9.92
C ASP B 165 -6.89 -10.54 -10.56
N TYR B 166 -6.57 -10.73 -11.82
CA TYR B 166 -5.65 -9.84 -12.49
C TYR B 166 -6.20 -8.39 -12.64
N ASP B 167 -7.52 -8.26 -12.72
CA ASP B 167 -8.16 -6.94 -12.88
C ASP B 167 -8.00 -6.09 -11.61
N MET B 168 -8.25 -6.70 -10.46
CA MET B 168 -7.99 -6.08 -9.20
C MET B 168 -6.48 -5.85 -8.93
N LEU B 169 -5.60 -6.77 -9.31
CA LEU B 169 -4.15 -6.51 -9.22
C LEU B 169 -3.74 -5.28 -10.03
N GLU B 170 -4.29 -5.14 -11.23
CA GLU B 170 -3.97 -3.97 -12.07
C GLU B 170 -4.35 -2.65 -11.41
N LYS B 171 -5.52 -2.60 -10.79
CA LYS B 171 -6.01 -1.42 -10.08
C LYS B 171 -5.20 -1.11 -8.81
N THR B 172 -4.95 -2.15 -7.99
CA THR B 172 -4.29 -1.95 -6.71
C THR B 172 -2.84 -1.62 -6.92
N ALA B 173 -2.18 -2.24 -7.90
CA ALA B 173 -0.81 -1.83 -8.20
C ALA B 173 -0.71 -0.39 -8.64
N ALA B 174 -1.70 0.11 -9.40
CA ALA B 174 -1.72 1.50 -9.82
C ALA B 174 -1.76 2.49 -8.64
N LEU B 175 -2.45 2.11 -7.57
CA LEU B 175 -2.50 2.91 -6.34
C LEU B 175 -1.30 2.71 -5.41
N PHE B 176 -0.83 1.48 -5.28
CA PHE B 176 0.21 1.12 -4.30
C PHE B 176 1.58 1.45 -4.83
N ARG B 177 1.75 1.38 -6.14
CA ARG B 177 3.03 1.61 -6.80
C ARG B 177 4.17 0.72 -6.27
N PRO B 178 4.03 -0.61 -6.35
CA PRO B 178 5.13 -1.47 -5.95
C PRO B 178 6.33 -1.25 -6.83
N LYS B 179 7.52 -1.33 -6.25
CA LYS B 179 8.75 -1.35 -7.00
C LYS B 179 9.03 -2.76 -7.56
N LEU B 180 8.43 -3.77 -6.94
CA LEU B 180 8.59 -5.17 -7.35
C LEU B 180 7.27 -5.89 -7.28
N ILE B 181 6.93 -6.60 -8.34
CA ILE B 181 5.78 -7.48 -8.31
C ILE B 181 6.31 -8.90 -8.44
N ILE B 182 5.79 -9.80 -7.63
CA ILE B 182 6.26 -11.17 -7.60
C ILE B 182 5.14 -12.06 -8.02
N ALA B 183 5.36 -12.82 -9.09
CA ALA B 183 4.50 -13.93 -9.45
C ALA B 183 5.10 -15.24 -8.89
N GLY B 184 4.26 -16.28 -8.81
CA GLY B 184 4.67 -17.57 -8.27
C GLY B 184 3.98 -17.76 -6.96
N ALA B 185 3.80 -19.03 -6.56
CA ALA B 185 2.92 -19.41 -5.43
C ALA B 185 3.12 -20.86 -4.99
N SER B 186 2.85 -21.12 -3.72
CA SER B 186 3.01 -22.46 -3.13
C SER B 186 1.86 -23.39 -3.44
N ALA B 187 0.71 -22.81 -3.66
CA ALA B 187 -0.47 -23.61 -3.71
C ALA B 187 -1.39 -23.12 -4.78
N TYR B 188 -0.84 -22.56 -5.87
CA TYR B 188 -1.68 -22.11 -6.99
C TYR B 188 -1.73 -23.21 -8.04
N PRO B 189 -2.93 -23.73 -8.30
CA PRO B 189 -3.01 -24.86 -9.22
C PRO B 189 -3.06 -24.53 -10.71
N ARG B 190 -2.88 -23.28 -11.16
CA ARG B 190 -2.93 -22.97 -12.58
C ARG B 190 -1.68 -22.31 -13.05
N ASP B 191 -1.44 -22.27 -14.36
CA ASP B 191 -0.32 -21.49 -14.89
C ASP B 191 -0.56 -19.98 -14.75
N ILE B 192 0.50 -19.21 -14.82
CA ILE B 192 0.48 -17.79 -14.64
C ILE B 192 0.39 -17.09 -16.00
N ASP B 193 -0.46 -16.07 -16.09
CA ASP B 193 -0.51 -15.19 -17.25
C ASP B 193 0.63 -14.16 -17.18
N TYR B 194 1.81 -14.54 -17.68
CA TYR B 194 3.01 -13.70 -17.60
C TYR B 194 2.93 -12.40 -18.38
N ALA B 195 2.30 -12.43 -19.53
CA ALA B 195 2.09 -11.23 -20.35
C ALA B 195 1.28 -10.21 -19.58
N ARG B 196 0.24 -10.63 -18.87
CA ARG B 196 -0.57 -9.70 -18.08
C ARG B 196 0.25 -9.13 -16.90
N PHE B 197 1.06 -9.98 -16.26
CA PHE B 197 1.97 -9.50 -15.27
C PHE B 197 2.95 -8.46 -15.81
N ARG B 198 3.49 -8.69 -17.00
CA ARG B 198 4.41 -7.75 -17.60
C ARG B 198 3.68 -6.45 -17.83
N LYS B 199 2.50 -6.53 -18.43
CA LYS B 199 1.69 -5.32 -18.68
C LYS B 199 1.47 -4.51 -17.40
N ILE B 200 1.10 -5.20 -16.32
CA ILE B 200 0.86 -4.55 -15.02
C ILE B 200 2.14 -3.95 -14.43
N ALA B 201 3.25 -4.71 -14.44
CA ALA B 201 4.55 -4.19 -13.96
C ALA B 201 4.98 -2.90 -14.70
N ASP B 202 4.87 -2.95 -16.02
CA ASP B 202 5.25 -1.85 -16.86
C ASP B 202 4.37 -0.61 -16.61
N SER B 203 3.11 -0.80 -16.22
CA SER B 203 2.22 0.32 -15.93
C SER B 203 2.67 1.15 -14.73
N VAL B 204 3.46 0.57 -13.81
CA VAL B 204 3.98 1.32 -12.68
C VAL B 204 5.48 1.42 -12.64
N GLY B 205 6.15 0.95 -13.66
CA GLY B 205 7.62 0.96 -13.63
C GLY B 205 8.26 -0.03 -12.65
N ALA B 206 7.55 -1.10 -12.30
CA ALA B 206 8.06 -2.15 -11.41
C ALA B 206 9.00 -3.18 -12.06
N PHE B 207 9.92 -3.69 -11.24
CA PHE B 207 10.62 -4.93 -11.56
C PHE B 207 9.56 -6.05 -11.45
N LEU B 208 9.78 -7.09 -12.24
CA LEU B 208 8.92 -8.25 -12.27
C LEU B 208 9.76 -9.52 -12.05
N MET B 209 9.35 -10.31 -11.08
CA MET B 209 10.05 -11.49 -10.67
C MET B 209 9.06 -12.65 -10.63
N MET B 210 9.54 -13.82 -11.02
CA MET B 210 8.83 -15.08 -10.81
C MET B 210 9.60 -15.96 -9.85
N ASP B 211 8.89 -16.42 -8.82
CA ASP B 211 9.40 -17.44 -7.91
C ASP B 211 8.81 -18.74 -8.36
N MET B 212 9.65 -19.53 -9.05
CA MET B 212 9.21 -20.74 -9.72
C MET B 212 9.52 -21.97 -8.90
N ALA B 213 9.72 -21.81 -7.59
CA ALA B 213 10.08 -22.92 -6.71
C ALA B 213 9.18 -24.15 -6.88
N HIS B 214 7.86 -23.93 -6.97
CA HIS B 214 6.92 -25.08 -7.08
C HIS B 214 6.77 -25.73 -8.42
N VAL B 215 7.22 -25.07 -9.48
CA VAL B 215 6.94 -25.49 -10.81
C VAL B 215 8.17 -25.58 -11.72
N SER B 216 9.37 -25.43 -11.15
CA SER B 216 10.58 -25.20 -11.92
C SER B 216 10.87 -26.31 -12.89
N GLY B 217 10.69 -27.54 -12.45
CA GLY B 217 10.83 -28.71 -13.30
C GLY B 217 9.88 -28.76 -14.49
N LEU B 218 8.65 -28.32 -14.24
CA LEU B 218 7.64 -28.27 -15.29
C LEU B 218 7.93 -27.17 -16.30
N ILE B 219 8.65 -26.14 -15.88
CA ILE B 219 9.07 -25.09 -16.78
C ILE B 219 10.22 -25.62 -17.60
N ALA B 220 11.18 -26.24 -16.94
CA ALA B 220 12.35 -26.76 -17.61
C ALA B 220 11.93 -27.73 -18.72
N ALA B 221 10.97 -28.60 -18.40
CA ALA B 221 10.39 -29.56 -19.37
C ALA B 221 9.35 -29.02 -20.35
N SER B 222 9.17 -27.70 -20.43
CA SER B 222 8.18 -27.02 -21.28
C SER B 222 6.74 -27.52 -21.17
N VAL B 223 6.37 -27.97 -19.99
CA VAL B 223 5.01 -28.44 -19.72
C VAL B 223 4.15 -27.20 -19.36
N LEU B 224 4.75 -26.22 -18.69
CA LEU B 224 4.07 -24.95 -18.41
C LEU B 224 4.77 -23.87 -19.19
N ALA B 225 4.19 -22.67 -19.17
CA ALA B 225 4.77 -21.52 -19.86
C ALA B 225 6.06 -21.01 -19.22
N ASP B 226 6.83 -20.31 -20.04
CA ASP B 226 8.19 -19.94 -19.73
C ASP B 226 8.21 -18.54 -19.14
N PRO B 227 8.49 -18.41 -17.83
CA PRO B 227 8.51 -17.07 -17.23
C PRO B 227 9.64 -16.22 -17.79
N PHE B 228 10.69 -16.86 -18.33
CA PHE B 228 11.84 -16.17 -18.89
C PHE B 228 11.57 -15.31 -20.13
N GLU B 229 10.49 -15.58 -20.85
CA GLU B 229 10.05 -14.69 -21.93
C GLU B 229 9.62 -13.29 -21.47
N PHE B 230 9.26 -13.14 -20.19
CA PHE B 230 8.56 -11.95 -19.71
C PHE B 230 9.14 -11.29 -18.49
N VAL B 231 9.75 -12.06 -17.56
CA VAL B 231 10.21 -11.49 -16.28
C VAL B 231 11.63 -10.99 -16.29
N ASP B 232 12.00 -10.24 -15.26
CA ASP B 232 13.38 -9.75 -15.11
C ASP B 232 14.29 -10.72 -14.37
N ILE B 233 13.72 -11.40 -13.37
CA ILE B 233 14.44 -12.20 -12.42
C ILE B 233 13.59 -13.42 -12.09
N VAL B 234 14.24 -14.57 -11.97
CA VAL B 234 13.56 -15.78 -11.53
C VAL B 234 14.31 -16.41 -10.36
N THR B 235 13.61 -16.66 -9.25
CA THR B 235 14.20 -17.46 -8.17
C THR B 235 13.57 -18.84 -8.14
N THR B 236 14.26 -19.79 -7.50
CA THR B 236 13.74 -21.17 -7.32
C THR B 236 14.48 -21.86 -6.18
N THR B 237 13.81 -22.81 -5.57
CA THR B 237 14.47 -23.83 -4.75
C THR B 237 14.94 -24.90 -5.75
N THR B 238 15.73 -25.86 -5.27
CA THR B 238 16.33 -26.86 -6.12
C THR B 238 15.82 -28.25 -5.78
N HIS B 239 14.94 -28.37 -4.79
CA HIS B 239 14.60 -29.67 -4.18
C HIS B 239 13.20 -30.22 -4.45
N LYS B 240 12.31 -29.36 -4.87
CA LYS B 240 10.93 -29.72 -5.06
C LYS B 240 10.74 -30.34 -6.43
N SER B 241 10.37 -29.60 -7.46
CA SER B 241 10.08 -30.25 -8.74
C SER B 241 11.36 -30.52 -9.58
N LEU B 242 12.43 -29.77 -9.32
CA LEU B 242 13.74 -30.07 -9.88
C LEU B 242 14.39 -31.37 -9.38
N ARG B 243 13.99 -31.88 -8.20
CA ARG B 243 14.52 -33.14 -7.62
C ARG B 243 15.98 -33.10 -7.26
N GLY B 244 16.50 -31.93 -6.93
CA GLY B 244 17.84 -31.74 -6.48
C GLY B 244 18.01 -31.71 -4.96
N PRO B 245 19.19 -31.25 -4.53
CA PRO B 245 19.43 -31.07 -3.15
C PRO B 245 18.70 -29.81 -2.61
N ARG B 246 18.76 -29.59 -1.32
CA ARG B 246 18.20 -28.38 -0.77
C ARG B 246 19.12 -27.22 -1.00
N GLY B 247 18.69 -26.31 -1.84
CA GLY B 247 19.42 -25.09 -2.19
C GLY B 247 18.50 -24.11 -2.89
N GLY B 248 19.09 -23.11 -3.52
CA GLY B 248 18.34 -22.09 -4.25
C GLY B 248 19.16 -21.54 -5.40
N MET B 249 18.49 -20.94 -6.39
CA MET B 249 19.16 -20.23 -7.46
C MET B 249 18.45 -18.93 -7.75
N ILE B 250 19.19 -17.94 -8.26
CA ILE B 250 18.64 -16.70 -8.79
C ILE B 250 19.07 -16.47 -10.26
N PHE B 251 18.12 -16.43 -11.19
CA PHE B 251 18.40 -16.05 -12.57
C PHE B 251 18.11 -14.60 -12.77
N PHE B 252 18.89 -13.92 -13.61
CA PHE B 252 18.70 -12.49 -13.86
C PHE B 252 19.11 -12.12 -15.26
N LYS B 253 18.40 -11.16 -15.84
CA LYS B 253 18.79 -10.59 -17.10
C LYS B 253 20.14 -9.91 -16.94
N LYS B 254 20.98 -10.01 -17.96
CA LYS B 254 22.25 -9.31 -18.02
C LYS B 254 22.16 -7.90 -18.67
N ASP B 255 21.12 -7.60 -19.45
CA ASP B 255 20.88 -6.24 -19.92
C ASP B 255 20.38 -5.45 -18.70
N ALA B 256 20.71 -4.17 -18.60
CA ALA B 256 20.28 -3.35 -17.45
C ALA B 256 18.76 -3.19 -17.39
N VAL B 257 18.19 -3.20 -16.19
CA VAL B 257 16.73 -3.11 -16.00
C VAL B 257 16.43 -1.98 -15.04
N HIS B 258 15.60 -1.03 -15.48
CA HIS B 258 15.30 0.19 -14.77
C HIS B 258 16.57 0.80 -14.19
N GLY B 259 17.59 0.89 -15.05
CA GLY B 259 18.89 1.44 -14.67
C GLY B 259 19.83 0.61 -13.78
N VAL B 260 19.43 -0.60 -13.37
CA VAL B 260 20.22 -1.44 -12.47
C VAL B 260 20.93 -2.56 -13.24
N ASP B 261 22.23 -2.68 -12.98
CA ASP B 261 22.99 -3.86 -13.38
C ASP B 261 22.62 -4.99 -12.39
N LEU B 262 21.76 -5.89 -12.84
CA LEU B 262 21.19 -6.91 -11.97
C LEU B 262 22.23 -7.94 -11.54
N GLU B 263 23.19 -8.24 -12.43
CA GLU B 263 24.26 -9.17 -12.11
C GLU B 263 25.11 -8.74 -10.87
N SER B 264 25.67 -7.54 -10.98
CA SER B 264 26.48 -6.96 -9.95
C SER B 264 25.72 -6.86 -8.62
N ALA B 265 24.51 -6.34 -8.68
CA ALA B 265 23.68 -6.15 -7.49
C ALA B 265 23.32 -7.43 -6.78
N ILE B 266 22.93 -8.46 -7.54
CA ILE B 266 22.50 -9.76 -6.99
C ILE B 266 23.68 -10.52 -6.42
N ASN B 267 24.78 -10.61 -7.16
CA ASN B 267 25.99 -11.19 -6.63
C ASN B 267 26.47 -10.55 -5.32
N ASN B 268 26.48 -9.23 -5.25
CA ASN B 268 26.83 -8.52 -3.98
C ASN B 268 25.86 -8.73 -2.84
N ALA B 269 24.57 -8.87 -3.16
CA ALA B 269 23.56 -9.13 -2.17
C ALA B 269 23.67 -10.52 -1.54
N VAL B 270 24.02 -11.53 -2.35
CA VAL B 270 24.17 -12.86 -1.78
C VAL B 270 25.42 -12.89 -0.88
N PHE B 271 26.55 -12.44 -1.42
CA PHE B 271 27.78 -12.24 -0.66
C PHE B 271 28.46 -10.97 -1.17
N PRO B 272 28.86 -10.03 -0.30
CA PRO B 272 28.87 -10.15 1.18
C PRO B 272 27.56 -9.80 1.96
N GLY B 273 26.46 -9.54 1.24
CA GLY B 273 25.25 -9.00 1.86
C GLY B 273 24.65 -9.93 2.91
N LEU B 274 24.33 -11.16 2.52
CA LEU B 274 23.49 -12.02 3.37
C LEU B 274 24.06 -13.36 3.76
N GLN B 275 25.08 -13.80 3.04
CA GLN B 275 25.67 -15.11 3.28
C GLN B 275 27.16 -14.96 3.47
N GLY B 276 27.79 -16.05 3.89
CA GLY B 276 29.24 -16.20 3.85
C GLY B 276 29.65 -17.18 2.75
N GLY B 277 30.46 -18.16 3.14
CA GLY B 277 30.93 -19.19 2.23
C GLY B 277 29.79 -20.01 1.65
N PRO B 278 29.84 -20.31 0.34
CA PRO B 278 28.78 -21.13 -0.23
C PRO B 278 28.87 -22.58 0.25
N HIS B 279 27.78 -23.30 0.08
CA HIS B 279 27.73 -24.73 0.41
C HIS B 279 28.09 -25.57 -0.82
N ASN B 280 29.38 -25.85 -0.98
CA ASN B 280 29.90 -26.45 -2.20
C ASN B 280 29.39 -27.85 -2.42
N HIS B 281 29.16 -28.59 -1.35
CA HIS B 281 28.51 -29.91 -1.40
C HIS B 281 27.12 -29.85 -2.03
N THR B 282 26.34 -28.84 -1.63
CA THR B 282 25.02 -28.62 -2.22
C THR B 282 25.15 -28.30 -3.71
N ILE B 283 26.08 -27.40 -4.03
CA ILE B 283 26.35 -26.99 -5.41
C ILE B 283 26.72 -28.25 -6.24
N GLY B 284 27.47 -29.18 -5.64
CA GLY B 284 27.77 -30.44 -6.29
C GLY B 284 26.54 -31.22 -6.68
N GLY B 285 25.64 -31.39 -5.73
CA GLY B 285 24.39 -32.10 -5.97
C GLY B 285 23.48 -31.37 -6.94
N LEU B 286 23.53 -30.04 -6.90
CA LEU B 286 22.73 -29.20 -7.80
C LEU B 286 23.16 -29.41 -9.25
N ALA B 287 24.47 -29.45 -9.46
CA ALA B 287 25.01 -29.72 -10.79
C ALA B 287 24.55 -31.03 -11.36
N VAL B 288 24.52 -32.04 -10.51
CA VAL B 288 24.05 -33.36 -10.89
C VAL B 288 22.58 -33.29 -11.33
N CYS B 289 21.73 -32.67 -10.52
CA CYS B 289 20.31 -32.63 -10.88
C CYS B 289 20.03 -31.79 -12.12
N LEU B 290 20.80 -30.74 -12.36
CA LEU B 290 20.63 -29.89 -13.54
C LEU B 290 21.04 -30.57 -14.85
N LYS B 291 22.00 -31.48 -14.77
CA LYS B 291 22.32 -32.35 -15.87
C LYS B 291 21.12 -33.23 -16.21
N TYR B 292 20.57 -33.89 -15.20
CA TYR B 292 19.40 -34.74 -15.40
C TYR B 292 18.16 -33.96 -15.93
N ALA B 293 18.03 -32.71 -15.52
CA ALA B 293 16.90 -31.85 -15.89
C ALA B 293 16.84 -31.55 -17.40
N GLN B 294 17.95 -31.76 -18.10
CA GLN B 294 18.05 -31.67 -19.58
C GLN B 294 17.68 -32.94 -20.34
N SER B 295 17.44 -34.05 -19.65
CA SER B 295 17.24 -35.32 -20.31
C SER B 295 15.78 -35.55 -20.76
N PRO B 296 15.58 -36.41 -21.79
CA PRO B 296 14.21 -36.74 -22.22
C PRO B 296 13.40 -37.45 -21.13
N ASP B 297 14.10 -38.21 -20.28
CA ASP B 297 13.43 -38.94 -19.21
C ASP B 297 12.83 -37.99 -18.18
N PHE B 298 13.51 -36.86 -17.96
CA PHE B 298 13.03 -35.82 -17.04
C PHE B 298 11.80 -35.16 -17.63
N LYS B 299 11.81 -34.90 -18.94
CA LYS B 299 10.62 -34.36 -19.64
C LYS B 299 9.46 -35.37 -19.56
N ASN B 300 9.74 -36.66 -19.80
CA ASN B 300 8.72 -37.70 -19.64
C ASN B 300 8.19 -37.72 -18.20
N TYR B 301 9.07 -37.72 -17.23
CA TYR B 301 8.64 -37.65 -15.81
C TYR B 301 7.69 -36.46 -15.54
N GLN B 302 8.03 -35.28 -16.03
CA GLN B 302 7.25 -34.10 -15.74
C GLN B 302 5.88 -34.16 -16.39
N ASN B 303 5.79 -34.68 -17.61
CA ASN B 303 4.49 -34.95 -18.22
C ASN B 303 3.62 -35.92 -17.42
N GLN B 304 4.23 -36.99 -16.91
CA GLN B 304 3.55 -37.92 -16.00
C GLN B 304 3.06 -37.30 -14.69
N VAL B 305 3.88 -36.40 -14.10
CA VAL B 305 3.50 -35.61 -12.92
C VAL B 305 2.16 -34.92 -13.14
N VAL B 306 2.04 -34.22 -14.26
CA VAL B 306 0.80 -33.50 -14.57
C VAL B 306 -0.39 -34.43 -14.85
N ALA B 307 -0.14 -35.52 -15.55
CA ALA B 307 -1.19 -36.50 -15.86
C ALA B 307 -1.68 -37.22 -14.59
N ASN B 308 -0.73 -37.60 -13.75
CA ASN B 308 -1.08 -38.13 -12.43
C ASN B 308 -1.92 -37.17 -11.61
N CYS B 309 -1.59 -35.90 -11.64
CA CYS B 309 -2.35 -34.91 -10.90
C CYS B 309 -3.77 -34.78 -11.49
N ARG B 310 -3.86 -34.79 -12.82
CA ARG B 310 -5.18 -34.77 -13.51
C ARG B 310 -6.01 -36.01 -13.18
N ALA B 311 -5.40 -37.19 -13.17
CA ALA B 311 -6.12 -38.41 -12.80
C ALA B 311 -6.66 -38.30 -11.36
N LEU B 312 -5.84 -37.78 -10.44
CA LEU B 312 -6.29 -37.60 -9.06
C LEU B 312 -7.39 -36.54 -8.92
N ALA B 313 -7.19 -35.40 -9.56
CA ALA B 313 -8.16 -34.29 -9.56
C ALA B 313 -9.55 -34.76 -10.00
N ASN B 314 -9.58 -35.43 -11.14
CA ASN B 314 -10.84 -35.94 -11.69
C ASN B 314 -11.52 -36.94 -10.77
N ARG B 315 -10.78 -37.88 -10.19
CA ARG B 315 -11.39 -38.81 -9.25
C ARG B 315 -11.90 -38.13 -7.97
N LEU B 316 -11.21 -37.11 -7.49
CA LEU B 316 -11.67 -36.39 -6.30
C LEU B 316 -12.99 -35.61 -6.55
N VAL B 317 -13.11 -35.09 -7.76
CA VAL B 317 -14.35 -34.50 -8.26
C VAL B 317 -15.51 -35.54 -8.34
N GLU B 318 -15.23 -36.74 -8.85
CA GLU B 318 -16.21 -37.83 -8.78
C GLU B 318 -16.64 -38.11 -7.34
N HIS B 319 -15.76 -37.93 -6.36
CA HIS B 319 -16.15 -38.05 -4.94
C HIS B 319 -16.79 -36.79 -4.34
N GLU B 320 -17.00 -35.76 -5.16
CA GLU B 320 -17.79 -34.56 -4.83
C GLU B 320 -17.00 -33.58 -3.96
N TYR B 321 -15.67 -33.66 -4.05
CA TYR B 321 -14.80 -32.67 -3.46
C TYR B 321 -14.70 -31.48 -4.39
N LYS B 322 -14.58 -30.31 -3.80
CA LYS B 322 -14.39 -29.06 -4.51
C LYS B 322 -12.90 -28.76 -4.58
N LEU B 323 -12.38 -28.63 -5.79
CA LEU B 323 -11.02 -28.18 -6.02
C LEU B 323 -11.05 -26.68 -6.32
N VAL B 324 -10.15 -25.94 -5.64
CA VAL B 324 -9.93 -24.53 -5.93
C VAL B 324 -9.53 -24.37 -7.42
N SER B 325 -10.30 -23.51 -8.11
CA SER B 325 -10.21 -23.31 -9.56
C SER B 325 -10.76 -24.44 -10.41
N GLY B 326 -11.35 -25.46 -9.80
CA GLY B 326 -11.99 -26.53 -10.56
C GLY B 326 -11.04 -27.58 -11.13
N GLY B 327 -9.78 -27.58 -10.73
CA GLY B 327 -8.82 -28.56 -11.23
C GLY B 327 -7.43 -28.03 -11.14
N SER B 328 -6.56 -28.47 -12.04
CA SER B 328 -5.19 -28.02 -12.01
C SER B 328 -4.55 -27.99 -13.39
N ASP B 329 -3.62 -27.08 -13.61
CA ASP B 329 -2.69 -27.16 -14.77
C ASP B 329 -1.34 -27.78 -14.40
N ASN B 330 -1.10 -28.09 -13.12
CA ASN B 330 0.24 -28.51 -12.74
C ASN B 330 0.27 -29.79 -11.89
N HIS B 331 1.11 -29.79 -10.89
CA HIS B 331 1.48 -30.93 -10.11
C HIS B 331 0.67 -31.02 -8.85
N LEU B 332 -0.18 -30.02 -8.60
CA LEU B 332 -0.90 -29.96 -7.35
C LEU B 332 -2.38 -29.66 -7.52
N VAL B 333 -3.14 -30.09 -6.53
CA VAL B 333 -4.50 -29.65 -6.34
C VAL B 333 -4.62 -29.10 -4.94
N LEU B 334 -5.62 -28.25 -4.80
CA LEU B 334 -5.95 -27.62 -3.57
C LEU B 334 -7.42 -27.91 -3.36
N VAL B 335 -7.72 -28.71 -2.33
CA VAL B 335 -9.06 -29.17 -2.06
C VAL B 335 -9.69 -28.27 -1.02
N ASP B 336 -10.85 -27.70 -1.31
CA ASP B 336 -11.62 -26.94 -0.30
C ASP B 336 -12.52 -27.92 0.45
N LEU B 337 -12.15 -28.26 1.67
CA LEU B 337 -12.90 -29.24 2.46
C LEU B 337 -14.08 -28.68 3.25
N ARG B 338 -14.25 -27.35 3.27
CA ARG B 338 -15.36 -26.75 4.01
C ARG B 338 -16.78 -27.23 3.61
N PRO B 339 -17.11 -27.34 2.29
CA PRO B 339 -18.35 -27.96 1.81
C PRO B 339 -18.57 -29.40 2.23
N SER B 340 -17.49 -30.12 2.57
CA SER B 340 -17.58 -31.49 3.07
C SER B 340 -17.70 -31.56 4.60
N GLY B 341 -17.63 -30.41 5.28
CA GLY B 341 -17.95 -30.30 6.71
C GLY B 341 -16.79 -30.50 7.66
N ILE B 342 -15.56 -30.26 7.20
CA ILE B 342 -14.40 -30.41 8.06
C ILE B 342 -13.26 -29.52 7.53
N ASP B 343 -12.31 -29.21 8.41
CA ASP B 343 -11.09 -28.48 8.07
C ASP B 343 -9.89 -29.37 7.66
N GLY B 344 -8.83 -28.71 7.21
CA GLY B 344 -7.64 -29.37 6.75
C GLY B 344 -6.77 -29.94 7.83
N ALA B 345 -6.81 -29.37 9.05
CA ALA B 345 -5.89 -29.81 10.12
C ALA B 345 -6.31 -31.14 10.70
N ARG B 346 -7.63 -31.30 10.87
CA ARG B 346 -8.19 -32.55 11.36
C ARG B 346 -7.92 -33.67 10.34
N VAL B 347 -8.24 -33.38 9.09
CA VAL B 347 -8.02 -34.31 8.00
C VAL B 347 -6.54 -34.66 7.79
N GLU B 348 -5.63 -33.67 7.82
CA GLU B 348 -4.19 -33.92 7.70
C GLU B 348 -3.74 -34.96 8.73
N LYS B 349 -4.20 -34.82 9.98
CA LYS B 349 -3.77 -35.70 11.06
C LYS B 349 -4.26 -37.13 10.88
N ILE B 350 -5.53 -37.28 10.53
CA ILE B 350 -6.07 -38.62 10.30
C ILE B 350 -5.36 -39.30 9.13
N LEU B 351 -5.17 -38.57 8.02
CA LEU B 351 -4.52 -39.11 6.83
C LEU B 351 -3.10 -39.49 7.16
N ASP B 352 -2.41 -38.63 7.89
CA ASP B 352 -1.09 -38.93 8.34
C ASP B 352 -0.98 -40.24 9.18
N MET B 353 -1.95 -40.48 10.07
CA MET B 353 -1.99 -41.73 10.84
C MET B 353 -2.17 -42.98 9.95
N ALA B 354 -2.80 -42.81 8.80
CA ALA B 354 -2.92 -43.90 7.83
C ALA B 354 -1.82 -43.86 6.73
N SER B 355 -0.70 -43.17 7.00
CA SER B 355 0.48 -43.09 6.12
C SER B 355 0.25 -42.33 4.80
N ILE B 356 -0.73 -41.46 4.79
CA ILE B 356 -0.97 -40.55 3.67
C ILE B 356 -0.54 -39.18 4.14
N THR B 357 0.56 -38.72 3.58
CA THR B 357 1.26 -37.57 4.11
C THR B 357 1.01 -36.41 3.17
N LEU B 358 0.27 -35.42 3.66
CA LEU B 358 0.06 -34.21 2.87
C LEU B 358 0.05 -33.00 3.82
N ASN B 359 -0.46 -31.87 3.41
CA ASN B 359 -0.53 -30.77 4.35
C ASN B 359 -1.84 -29.99 4.27
N LYS B 360 -2.30 -29.53 5.42
CA LYS B 360 -3.37 -28.54 5.52
C LYS B 360 -2.98 -27.27 4.73
N ASN B 361 -3.94 -26.62 4.13
CA ASN B 361 -3.64 -25.45 3.35
C ASN B 361 -4.82 -24.50 3.40
N SER B 362 -4.52 -23.21 3.44
CA SER B 362 -5.57 -22.21 3.38
C SER B 362 -6.18 -22.22 2.01
N VAL B 363 -7.45 -21.87 1.95
CA VAL B 363 -8.15 -21.72 0.67
C VAL B 363 -8.83 -20.35 0.68
N PRO B 364 -9.23 -19.83 -0.48
CA PRO B 364 -9.91 -18.51 -0.53
C PRO B 364 -11.22 -18.47 0.29
N GLY B 365 -11.30 -17.64 1.34
CA GLY B 365 -12.57 -17.45 2.10
C GLY B 365 -12.48 -17.65 3.61
N VAL B 371 -8.26 -21.96 11.66
CA VAL B 371 -7.88 -23.26 11.08
C VAL B 371 -8.07 -23.34 9.54
N PRO B 372 -7.09 -23.91 8.82
CA PRO B 372 -7.24 -23.93 7.35
C PRO B 372 -8.38 -24.83 6.79
N GLY B 373 -9.09 -24.32 5.79
CA GLY B 373 -10.20 -25.02 5.21
C GLY B 373 -9.86 -26.10 4.18
N GLY B 374 -8.58 -26.28 3.85
CA GLY B 374 -8.20 -27.13 2.71
C GLY B 374 -7.03 -28.06 3.00
N ILE B 375 -6.75 -28.92 2.02
CA ILE B 375 -5.51 -29.70 1.97
C ILE B 375 -4.92 -29.54 0.59
N ARG B 376 -3.59 -29.64 0.54
CA ARG B 376 -2.85 -29.53 -0.69
C ARG B 376 -2.26 -30.89 -0.98
N ILE B 377 -2.39 -31.31 -2.22
CA ILE B 377 -2.01 -32.63 -2.63
C ILE B 377 -1.16 -32.50 -3.87
N GLY B 378 0.00 -33.15 -3.87
CA GLY B 378 0.88 -33.09 -5.01
C GLY B 378 1.38 -34.42 -5.52
N SER B 379 1.60 -34.48 -6.82
CA SER B 379 2.01 -35.71 -7.48
C SER B 379 3.54 -36.02 -7.62
N PRO B 380 4.43 -35.03 -7.54
CA PRO B 380 5.84 -35.38 -7.92
C PRO B 380 6.54 -36.56 -7.22
N ALA B 381 6.40 -36.61 -5.91
CA ALA B 381 7.13 -37.61 -5.12
C ALA B 381 6.72 -39.04 -5.50
N MET B 382 5.44 -39.31 -5.53
CA MET B 382 5.01 -40.67 -5.88
C MET B 382 5.16 -41.03 -7.36
N THR B 383 5.17 -40.03 -8.23
CA THR B 383 5.43 -40.20 -9.66
C THR B 383 6.92 -40.57 -9.88
N THR B 384 7.80 -39.95 -9.10
CA THR B 384 9.22 -40.35 -9.08
C THR B 384 9.39 -41.84 -8.80
N ARG B 385 8.59 -42.36 -7.88
CA ARG B 385 8.67 -43.77 -7.50
C ARG B 385 8.07 -44.69 -8.53
N GLY B 386 7.25 -44.14 -9.43
CA GLY B 386 6.77 -44.87 -10.61
C GLY B 386 5.27 -45.06 -10.69
N LEU B 387 4.49 -44.37 -9.85
CA LEU B 387 3.05 -44.50 -9.91
C LEU B 387 2.51 -43.84 -11.17
N GLY B 388 1.45 -44.46 -11.72
CA GLY B 388 0.75 -43.94 -12.88
C GLY B 388 -0.63 -43.44 -12.51
N GLU B 389 -1.43 -43.22 -13.56
CA GLU B 389 -2.71 -42.50 -13.44
C GLU B 389 -3.69 -43.33 -12.64
N LYS B 390 -3.72 -44.62 -12.95
CA LYS B 390 -4.60 -45.56 -12.29
C LYS B 390 -4.30 -45.60 -10.75
N GLU B 391 -3.03 -45.56 -10.38
CA GLU B 391 -2.65 -45.54 -8.96
C GLU B 391 -3.05 -44.24 -8.32
N PHE B 392 -2.93 -43.13 -9.05
CA PHE B 392 -3.40 -41.85 -8.53
C PHE B 392 -4.91 -41.76 -8.33
N GLU B 393 -5.70 -42.47 -9.16
CA GLU B 393 -7.15 -42.58 -8.89
C GLU B 393 -7.38 -43.37 -7.60
N LEU B 394 -6.63 -44.46 -7.41
CA LEU B 394 -6.66 -45.21 -6.15
C LEU B 394 -6.30 -44.31 -4.95
N ILE B 395 -5.27 -43.48 -5.11
CA ILE B 395 -4.92 -42.49 -4.06
C ILE B 395 -6.10 -41.60 -3.74
N ALA B 396 -6.81 -41.12 -4.76
CA ALA B 396 -7.98 -40.29 -4.50
C ALA B 396 -9.03 -41.05 -3.66
N ASP B 397 -9.27 -42.32 -3.99
CA ASP B 397 -10.20 -43.18 -3.22
C ASP B 397 -9.76 -43.33 -1.75
N LEU B 398 -8.46 -43.53 -1.55
CA LEU B 398 -7.90 -43.68 -0.21
C LEU B 398 -8.03 -42.40 0.58
N ILE B 399 -7.81 -41.25 -0.06
CA ILE B 399 -8.03 -39.93 0.55
C ILE B 399 -9.48 -39.78 1.00
N HIS B 400 -10.40 -40.11 0.10
CA HIS B 400 -11.82 -40.03 0.38
C HIS B 400 -12.21 -40.81 1.65
N GLU B 401 -11.78 -42.07 1.73
CA GLU B 401 -11.99 -42.91 2.92
C GLU B 401 -11.41 -42.25 4.20
N GLY B 402 -10.22 -41.68 4.09
CA GLY B 402 -9.58 -40.93 5.18
C GLY B 402 -10.41 -39.76 5.65
N VAL B 403 -11.01 -39.04 4.71
CA VAL B 403 -11.88 -37.91 5.05
C VAL B 403 -13.14 -38.39 5.80
N ARG B 404 -13.68 -39.52 5.39
CA ARG B 404 -14.84 -40.11 6.10
C ARG B 404 -14.51 -40.50 7.54
N ILE B 405 -13.35 -41.11 7.75
CA ILE B 405 -12.96 -41.44 9.12
C ILE B 405 -12.77 -40.16 9.93
N SER B 406 -12.25 -39.11 9.29
CA SER B 406 -12.02 -37.83 9.96
C SER B 406 -13.35 -37.23 10.40
N LEU B 407 -14.35 -37.28 9.51
CA LEU B 407 -15.68 -36.78 9.86
C LEU B 407 -16.23 -37.54 11.05
N GLU B 408 -16.08 -38.86 11.01
CA GLU B 408 -16.59 -39.72 12.04
C GLU B 408 -15.91 -39.43 13.36
N ALA B 409 -14.61 -39.23 13.35
CA ALA B 409 -13.87 -38.95 14.60
C ALA B 409 -14.27 -37.60 15.19
N LYS B 410 -14.62 -36.67 14.31
CA LYS B 410 -15.02 -35.32 14.72
C LYS B 410 -16.33 -35.36 15.50
N SER B 411 -17.29 -36.17 15.05
CA SER B 411 -18.56 -36.32 15.74
C SER B 411 -18.39 -36.93 17.15
N LEU B 412 -17.43 -37.84 17.32
CA LEU B 412 -17.12 -38.39 18.67
C LEU B 412 -16.49 -37.39 19.63
N VAL B 413 -15.93 -36.33 19.07
CA VAL B 413 -15.33 -35.25 19.83
C VAL B 413 -16.45 -34.23 20.25
N SER B 414 -16.45 -33.86 21.53
CA SER B 414 -17.39 -32.85 22.08
C SER B 414 -16.82 -31.43 21.91
N GLY B 415 -15.58 -31.21 22.32
CA GLY B 415 -14.93 -29.90 22.18
C GLY B 415 -14.71 -29.47 20.74
N THR B 416 -14.95 -28.20 20.42
CA THR B 416 -14.71 -27.70 19.05
C THR B 416 -13.26 -27.25 18.78
N LYS B 417 -12.34 -27.40 19.75
CA LYS B 417 -10.95 -26.97 19.57
C LYS B 417 -10.12 -28.10 18.92
N VAL B 418 -9.30 -27.73 17.94
CA VAL B 418 -8.52 -28.68 17.15
C VAL B 418 -7.50 -29.41 18.02
N GLN B 419 -7.04 -28.75 19.09
CA GLN B 419 -6.13 -29.41 20.05
C GLN B 419 -6.80 -30.56 20.79
N ASP B 420 -8.12 -30.48 20.99
CA ASP B 420 -8.91 -31.54 21.63
C ASP B 420 -8.95 -32.78 20.73
N PHE B 421 -9.22 -32.55 19.44
CA PHE B 421 -9.15 -33.57 18.39
C PHE B 421 -7.78 -34.28 18.35
N LEU B 422 -6.70 -33.52 18.26
CA LEU B 422 -5.36 -34.10 18.26
C LEU B 422 -5.16 -35.03 19.47
N ASN B 423 -5.53 -34.54 20.65
CA ASN B 423 -5.49 -35.33 21.89
C ASN B 423 -6.33 -36.60 21.82
N PHE B 424 -7.51 -36.50 21.22
CA PHE B 424 -8.43 -37.63 21.09
C PHE B 424 -7.81 -38.73 20.24
N VAL B 425 -7.29 -38.34 19.08
CA VAL B 425 -6.76 -39.28 18.12
C VAL B 425 -5.39 -39.82 18.50
N LEU B 426 -4.57 -39.01 19.17
CA LEU B 426 -3.30 -39.52 19.71
C LEU B 426 -3.43 -40.54 20.86
N ALA B 427 -4.56 -40.57 21.56
CA ALA B 427 -4.72 -41.41 22.77
C ALA B 427 -4.70 -42.90 22.40
N PRO B 428 -4.11 -43.76 23.27
CA PRO B 428 -3.94 -45.21 22.96
C PRO B 428 -5.27 -45.96 22.88
N GLU B 429 -6.23 -45.56 23.71
CA GLU B 429 -7.66 -45.91 23.59
C GLU B 429 -8.30 -45.76 22.18
N PHE B 430 -7.76 -44.88 21.33
CA PHE B 430 -8.52 -44.24 20.22
C PHE B 430 -9.51 -45.18 19.48
N PRO B 431 -10.82 -44.99 19.69
CA PRO B 431 -11.86 -45.93 19.23
C PRO B 431 -12.04 -46.12 17.72
N LEU B 432 -11.45 -45.27 16.89
CA LEU B 432 -11.46 -45.53 15.42
C LEU B 432 -10.12 -46.08 14.92
N GLY B 433 -9.27 -46.51 15.85
CA GLY B 433 -7.98 -47.10 15.53
C GLY B 433 -8.03 -48.19 14.47
N ASP B 434 -9.07 -49.02 14.51
CA ASP B 434 -9.21 -50.13 13.59
C ASP B 434 -9.55 -49.66 12.17
N LYS B 435 -10.36 -48.62 12.05
CA LYS B 435 -10.63 -48.00 10.72
C LYS B 435 -9.36 -47.41 10.09
N VAL B 436 -8.54 -46.77 10.91
CA VAL B 436 -7.29 -46.16 10.47
C VAL B 436 -6.30 -47.25 10.04
N SER B 437 -6.15 -48.32 10.83
CA SER B 437 -5.26 -49.44 10.48
C SER B 437 -5.66 -50.08 9.18
N ASN B 438 -6.97 -50.25 9.00
CA ASN B 438 -7.48 -50.86 7.77
C ASN B 438 -7.16 -49.97 6.58
N LEU B 439 -7.31 -48.66 6.73
CA LEU B 439 -6.94 -47.76 5.65
C LEU B 439 -5.45 -47.78 5.39
N ARG B 440 -4.68 -47.74 6.49
CA ARG B 440 -3.24 -47.75 6.41
C ARG B 440 -2.76 -48.97 5.67
N ARG B 441 -3.38 -50.13 5.92
CA ARG B 441 -2.99 -51.38 5.20
C ARG B 441 -3.13 -51.20 3.69
N LYS B 442 -4.21 -50.56 3.24
CA LYS B 442 -4.44 -50.30 1.79
C LYS B 442 -3.42 -49.35 1.21
N VAL B 443 -3.07 -48.34 2.00
CA VAL B 443 -2.11 -47.30 1.62
C VAL B 443 -0.71 -47.91 1.46
N GLU B 444 -0.28 -48.66 2.44
CA GLU B 444 1.02 -49.31 2.41
C GLU B 444 1.09 -50.38 1.30
N ALA B 445 0.02 -51.12 1.10
CA ALA B 445 -0.02 -52.12 0.03
C ALA B 445 0.14 -51.50 -1.38
N LEU B 446 -0.23 -50.22 -1.55
CA LEU B 446 0.13 -49.50 -2.77
C LEU B 446 1.60 -49.11 -2.75
N ALA B 447 2.01 -48.40 -1.69
CA ALA B 447 3.33 -47.82 -1.58
C ALA B 447 4.49 -48.80 -1.67
N THR B 448 4.35 -49.92 -0.98
CA THR B 448 5.44 -50.85 -0.88
C THR B 448 5.70 -51.66 -2.17
N GLN B 449 4.85 -51.50 -3.19
CA GLN B 449 5.13 -52.12 -4.51
C GLN B 449 6.15 -51.34 -5.33
N TYR B 450 6.53 -50.15 -4.86
CA TYR B 450 7.32 -49.23 -5.63
C TYR B 450 8.67 -48.99 -5.02
N PRO B 451 9.71 -48.91 -5.89
CA PRO B 451 11.05 -48.61 -5.41
C PRO B 451 11.13 -47.21 -4.90
N ILE B 452 12.20 -46.93 -4.19
CA ILE B 452 12.48 -45.60 -3.69
C ILE B 452 13.95 -45.30 -3.98
N PRO B 453 14.22 -44.16 -4.66
CA PRO B 453 15.60 -43.84 -4.94
C PRO B 453 16.29 -43.40 -3.67
N GLY B 454 17.61 -43.45 -3.67
CA GLY B 454 18.38 -43.02 -2.52
C GLY B 454 19.55 -43.94 -2.35
N VAL B 455 20.50 -43.52 -1.52
CA VAL B 455 21.72 -44.32 -1.23
C VAL B 455 21.39 -45.68 -0.58
SE SEY C . 7.21 20.96 10.86
C SEY C . 6.26 20.56 9.39
N2 SEY C . 5.67 21.49 8.69
N1 SEY C . 6.13 19.33 8.98
SE SEY D . -22.59 37.97 5.97
C SEY D . -22.99 37.96 7.84
N2 SEY D . -24.23 37.68 8.23
N1 SEY D . -22.05 38.25 8.75
SE SEY E . -8.22 21.36 26.40
C SEY E . -6.69 20.31 26.76
N2 SEY E . -6.67 19.49 27.82
N1 SEY E . -5.65 20.38 25.98
SE SEY F . -23.70 38.29 17.30
C SEY F . -22.08 39.26 17.51
N2 SEY F . -22.08 40.43 18.13
N1 SEY F . -20.92 38.79 17.06
SE SEY G . -13.34 18.77 3.44
C SEY G . -13.98 19.32 1.84
N2 SEY G . -13.23 20.07 1.05
N1 SEY G . -15.20 18.95 1.48
SE SEY H . -2.83 21.81 28.46
C SEY H . -4.36 21.98 29.61
N2 SEY H . -4.76 20.97 30.39
N1 SEY H . -5.04 23.13 29.63
SE SEY I . 4.95 19.96 27.89
C SEY I . 4.74 19.13 26.22
N2 SEY I . 3.94 19.65 25.22
N1 SEY I . 5.41 17.98 26.01
SE SEY J . 10.63 0.89 10.98
C SEY J . 11.47 1.83 12.35
N2 SEY J . 11.78 1.20 13.47
N1 SEY J . 11.76 3.11 12.21
SE SEY K . -15.82 44.71 6.30
C SEY K . -16.01 46.23 7.41
N2 SEY K . -17.19 46.53 7.95
N1 SEY K . -14.97 47.02 7.66
SE SEY L . -9.10 52.54 -7.79
C SEY L . -10.65 53.01 -6.76
N2 SEY L . -10.52 53.56 -5.57
N1 SEY L . -11.88 52.76 -7.21
SE SEY M . -13.37 39.40 15.52
C SEY M . -15.10 40.20 15.73
N2 SEY M . -15.61 41.01 14.79
N1 SEY M . -15.83 39.96 16.82
C ACT N . -4.99 24.66 -0.37
O ACT N . -5.70 25.69 -0.54
OXT ACT N . -5.20 23.61 -1.04
CH3 ACT N . -3.86 24.73 0.64
C FMT O . -9.62 27.06 8.67
O1 FMT O . -10.78 27.51 8.80
O2 FMT O . -8.68 27.85 8.36
SE SEY P . 3.71 -21.08 -9.48
C SEY P . 2.20 -22.13 -9.27
N2 SEY P . 2.00 -22.74 -8.12
N1 SEY P . 1.33 -22.24 -10.29
SE SEY Q . 18.30 -15.08 5.11
C SEY Q . 20.09 -14.55 5.25
N2 SEY Q . 20.58 -13.58 6.01
N1 SEY Q . 20.92 -15.23 4.46
SE SEY R . -18.13 -37.14 25.74
C SEY R . -17.42 -37.31 23.96
N2 SEY R . -17.85 -38.27 23.14
N1 SEY R . -16.49 -36.48 23.52
SE SEY S . 26.20 -17.20 -15.39
C SEY S . 26.78 -15.65 -14.38
N2 SEY S . 26.63 -15.61 -13.06
N1 SEY S . 27.35 -14.61 -14.98
SE SEY T . 12.91 -45.04 -8.30
C SEY T . 14.50 -46.08 -8.28
N2 SEY T . 15.20 -46.24 -9.39
N1 SEY T . 14.92 -46.66 -7.16
SE SEY U . -14.67 -28.70 -8.41
C SEY U . -14.79 -28.92 -10.33
N2 SEY U . -15.87 -28.53 -11.01
N1 SEY U . -13.78 -29.47 -11.00
SE SEY V . 20.64 -38.04 -11.18
C SEY V . 20.64 -39.74 -12.09
N2 SEY V . 20.22 -40.87 -11.49
N1 SEY V . 21.07 -39.81 -13.35
SE SEY W . 41.15 -16.14 -6.70
C SEY W . 41.86 -17.09 -5.19
N2 SEY W . 42.33 -16.41 -4.15
N1 SEY W . 41.89 -18.44 -5.18
C ACT X . 6.01 -24.70 0.60
O ACT X . 7.13 -24.79 0.05
OXT ACT X . 5.20 -25.65 0.49
CH3 ACT X . 5.65 -23.45 1.40
C ACT Y . 12.45 -22.56 1.38
O ACT Y . 13.17 -21.66 1.91
OXT ACT Y . 12.54 -23.78 1.68
CH3 ACT Y . 11.42 -22.16 0.34
C FMT Z . 12.77 -26.94 -7.01
O1 FMT Z . 11.99 -26.62 -7.94
O2 FMT Z . 12.46 -26.79 -5.79
#